data_3PUQ
#
_entry.id   3PUQ
#
_cell.length_a   93.592
_cell.length_b   78.138
_cell.length_c   102.930
_cell.angle_alpha   90.00
_cell.angle_beta   92.07
_cell.angle_gamma   90.00
#
_symmetry.space_group_name_H-M   'P 1 21 1'
#
loop_
_entity.id
_entity.type
_entity.pdbx_description
1 polymer 'Lysine-specific demethylase 7 homolog'
2 non-polymer 'FE (II) ION'
3 non-polymer 'ZINC ION'
4 non-polymer '2-OXOGLUTARIC ACID'
5 non-polymer GLYCEROL
6 water water
#
_entity_poly.entity_id   1
_entity_poly.type   'polypeptide(L)'
_entity_poly.pdbx_seq_one_letter_code
;EFHMEQKTPKESDRCGGCGKFTHEDDLIALEEEKKKEKEKPLMSKKKSHHHKKNDFQWIGCDSCQTWYHFLCSGLEQFEY
YLYEKFFCPKCVPHTGHSIRYKVVAPHRYRWYSPNEKHLGIEVGSKTWIEDFITRENTVPSPTDDEVCIVEDGYEFRREF
EKLGGADNWGKVFMVKDMDGLNMTMPKPGFDLEDVVKIMGSDYEVDTIDVYNQSTYSMKLDTFRKLFRDTKNRPLLYNFL
SLEFSDNNEMKEIAKPPRFVQEISMVNRLWPDVSGAEYIKLLQREEYLPEDQRPKVEQFCLAGMAGSYTDFHVDFGGSSV
YYHILKGEKIFYIAAPTEQNFAAYQAHETSPDTTTWFGDIANGAVKRVVIKEGQTLLIPAGWIHAVLTPVDSLVFGGNFL
HLGNLEMQMRVYHLENAIRKEIRSEEKFYFPNFELLHWMYMRNVLLEKITEANQEGSDMREQEKNIWTASQIMKAEMERW
MDRELRLGPEKNAILPTDDKNKIMISVRKQIEIQTKIQNAKNKPMGLK
;
_entity_poly.pdbx_strand_id   A,C
#
loop_
_chem_comp.id
_chem_comp.type
_chem_comp.name
_chem_comp.formula
AKG non-polymer '2-OXOGLUTARIC ACID' 'C5 H6 O5'
FE2 non-polymer 'FE (II) ION' 'Fe 2'
GOL non-polymer GLYCEROL 'C3 H8 O3'
ZN non-polymer 'ZINC ION' 'Zn 2'
#
# COMPACT_ATOMS: atom_id res chain seq x y z
N THR A 8 -23.35 -20.58 17.81
CA THR A 8 -22.35 -19.54 17.53
C THR A 8 -21.45 -19.26 18.77
N PRO A 9 -20.74 -18.11 18.82
CA PRO A 9 -19.53 -18.08 19.66
C PRO A 9 -19.84 -17.89 21.14
N LYS A 10 -19.25 -18.72 21.99
CA LYS A 10 -19.45 -18.53 23.42
C LYS A 10 -18.23 -17.89 24.12
N GLU A 11 -18.47 -17.42 25.34
CA GLU A 11 -17.46 -16.76 26.18
C GLU A 11 -16.02 -17.25 25.99
N SER A 12 -15.85 -18.56 25.81
CA SER A 12 -14.52 -19.16 25.88
C SER A 12 -13.68 -19.20 24.59
N ASP A 13 -14.26 -18.92 23.42
CA ASP A 13 -13.47 -19.06 22.20
C ASP A 13 -12.69 -17.82 21.75
N ARG A 14 -11.53 -18.10 21.16
CA ARG A 14 -10.54 -17.09 20.82
C ARG A 14 -10.73 -16.68 19.37
N CYS A 15 -10.77 -15.37 19.11
CA CYS A 15 -10.64 -14.94 17.73
C CYS A 15 -9.25 -15.36 17.28
N GLY A 16 -9.19 -16.12 16.20
CA GLY A 16 -7.92 -16.60 15.69
C GLY A 16 -7.06 -15.50 15.10
N GLY A 17 -7.62 -14.29 15.04
CA GLY A 17 -6.89 -13.16 14.49
C GLY A 17 -6.24 -12.33 15.58
N CYS A 18 -7.06 -11.74 16.44
CA CYS A 18 -6.58 -10.82 17.47
C CYS A 18 -6.40 -11.52 18.82
N GLY A 19 -6.93 -12.74 18.93
CA GLY A 19 -6.78 -13.52 20.14
C GLY A 19 -7.57 -12.93 21.28
N LYS A 20 -8.24 -11.82 21.03
CA LYS A 20 -9.15 -11.27 22.02
C LYS A 20 -10.35 -12.17 22.09
N PHE A 21 -11.02 -12.16 23.23
CA PHE A 21 -12.17 -13.01 23.45
C PHE A 21 -13.45 -12.19 23.23
N THR A 22 -14.59 -12.85 23.26
CA THR A 22 -15.88 -12.20 23.03
C THR A 22 -15.89 -10.72 23.44
N ASN A 54 -20.74 -4.43 12.37
CA ASN A 54 -20.66 -5.69 11.66
C ASN A 54 -19.24 -6.26 11.71
N ASP A 55 -18.26 -5.37 11.70
CA ASP A 55 -16.85 -5.76 11.80
C ASP A 55 -16.59 -6.68 12.98
N PHE A 56 -17.33 -6.45 14.06
CA PHE A 56 -17.03 -7.10 15.32
C PHE A 56 -18.04 -8.19 15.67
N GLN A 57 -18.85 -8.55 14.67
CA GLN A 57 -19.62 -9.76 14.77
C GLN A 57 -18.78 -10.96 14.31
N TRP A 58 -19.30 -12.16 14.45
CA TRP A 58 -18.46 -13.35 14.38
C TRP A 58 -18.75 -14.24 13.20
N ILE A 59 -17.69 -14.83 12.66
CA ILE A 59 -17.84 -15.88 11.65
C ILE A 59 -16.90 -17.01 12.00
N GLY A 60 -17.36 -18.24 11.77
CA GLY A 60 -16.59 -19.43 12.07
C GLY A 60 -16.20 -20.18 10.81
N CYS A 61 -14.99 -20.70 10.83
CA CYS A 61 -14.48 -21.48 9.73
C CYS A 61 -15.06 -22.89 9.76
N ASP A 62 -15.65 -23.30 8.64
CA ASP A 62 -16.32 -24.60 8.53
C ASP A 62 -15.34 -25.76 8.56
N SER A 63 -14.04 -25.48 8.43
CA SER A 63 -13.04 -26.53 8.48
C SER A 63 -12.32 -26.52 9.84
N CYS A 64 -11.51 -25.48 10.05
CA CYS A 64 -10.83 -25.15 11.30
C CYS A 64 -11.72 -25.26 12.53
N GLN A 65 -12.92 -24.73 12.36
CA GLN A 65 -13.82 -24.46 13.46
C GLN A 65 -13.35 -23.28 14.32
N THR A 66 -12.20 -22.67 14.01
CA THR A 66 -11.84 -21.49 14.78
C THR A 66 -12.76 -20.31 14.44
N TRP A 67 -13.01 -19.45 15.43
CA TRP A 67 -13.91 -18.32 15.28
C TRP A 67 -13.11 -17.04 15.05
N TYR A 68 -13.68 -16.12 14.27
CA TYR A 68 -13.08 -14.82 14.03
C TYR A 68 -14.06 -13.66 14.11
N HIS A 69 -13.56 -12.50 14.53
CA HIS A 69 -14.25 -11.25 14.27
C HIS A 69 -14.24 -11.06 12.76
N PHE A 70 -15.35 -10.61 12.18
CA PHE A 70 -15.37 -10.36 10.76
C PHE A 70 -14.15 -9.55 10.34
N LEU A 71 -13.82 -8.54 11.13
CA LEU A 71 -12.70 -7.67 10.83
C LEU A 71 -11.36 -8.40 10.89
N CYS A 72 -11.35 -9.55 11.57
CA CYS A 72 -10.11 -10.30 11.79
C CYS A 72 -10.01 -11.53 10.90
N SER A 73 -11.07 -11.80 10.14
CA SER A 73 -11.21 -13.04 9.39
C SER A 73 -10.42 -13.09 8.07
N GLY A 74 -9.87 -11.95 7.65
CA GLY A 74 -9.26 -11.83 6.33
C GLY A 74 -10.24 -11.35 5.27
N LEU A 75 -11.53 -11.40 5.60
CA LEU A 75 -12.58 -10.94 4.69
C LEU A 75 -12.58 -9.43 4.60
N GLU A 76 -12.89 -8.91 3.42
CA GLU A 76 -13.21 -7.49 3.25
C GLU A 76 -14.70 -7.29 3.53
N GLN A 77 -15.07 -6.06 3.88
CA GLN A 77 -16.41 -5.77 4.37
C GLN A 77 -17.51 -6.18 3.40
N PHE A 78 -17.26 -6.01 2.11
CA PHE A 78 -18.25 -6.37 1.09
C PHE A 78 -18.52 -7.88 1.03
N GLU A 79 -17.61 -8.68 1.59
CA GLU A 79 -17.75 -10.15 1.57
C GLU A 79 -18.41 -10.74 2.82
N TYR A 80 -18.51 -9.96 3.89
CA TYR A 80 -19.03 -10.50 5.15
C TYR A 80 -20.27 -11.37 4.94
N TYR A 81 -21.20 -10.91 4.10
CA TYR A 81 -22.50 -11.55 4.01
C TYR A 81 -22.56 -12.56 2.87
N LEU A 82 -21.47 -12.67 2.12
CA LEU A 82 -21.51 -13.43 0.87
C LEU A 82 -21.39 -14.95 1.05
N TYR A 83 -20.66 -15.41 2.06
CA TYR A 83 -20.29 -16.81 2.14
C TYR A 83 -21.14 -17.64 3.08
N GLU A 84 -21.71 -18.71 2.53
CA GLU A 84 -22.49 -19.67 3.32
C GLU A 84 -21.57 -20.67 4.02
N LYS A 85 -20.49 -21.04 3.35
CA LYS A 85 -19.42 -21.83 3.97
C LYS A 85 -18.12 -21.05 3.90
N PHE A 86 -17.60 -20.68 5.07
CA PHE A 86 -16.41 -19.86 5.14
C PHE A 86 -15.21 -20.71 5.50
N PHE A 87 -14.17 -20.62 4.69
CA PHE A 87 -12.88 -21.23 5.05
C PHE A 87 -11.91 -20.11 5.31
N CYS A 88 -11.35 -20.08 6.51
CA CYS A 88 -10.44 -19.03 6.89
C CYS A 88 -9.14 -19.20 6.11
N PRO A 89 -8.30 -18.15 6.08
CA PRO A 89 -7.08 -18.14 5.25
C PRO A 89 -6.09 -19.27 5.55
N LYS A 90 -6.03 -19.74 6.80
CA LYS A 90 -5.20 -20.89 7.14
C LYS A 90 -5.69 -22.18 6.49
N CYS A 91 -6.97 -22.22 6.13
CA CYS A 91 -7.55 -23.46 5.63
C CYS A 91 -7.68 -23.52 4.11
N VAL A 92 -7.81 -22.36 3.47
CA VAL A 92 -8.02 -22.28 2.02
C VAL A 92 -7.04 -23.13 1.19
N PRO A 93 -5.74 -23.13 1.53
CA PRO A 93 -4.80 -23.95 0.74
C PRO A 93 -5.24 -25.41 0.55
N HIS A 94 -5.93 -25.99 1.52
CA HIS A 94 -6.43 -27.36 1.32
C HIS A 94 -7.93 -27.52 1.15
N THR A 95 -8.71 -26.50 1.54
CA THR A 95 -10.17 -26.60 1.43
C THR A 95 -10.69 -26.00 0.11
N GLY A 96 -9.90 -25.15 -0.51
CA GLY A 96 -10.42 -24.33 -1.60
C GLY A 96 -11.22 -23.17 -1.03
N HIS A 97 -11.69 -22.29 -1.92
CA HIS A 97 -12.32 -21.03 -1.52
C HIS A 97 -13.63 -21.21 -0.78
N SER A 98 -13.98 -20.21 0.01
CA SER A 98 -15.28 -20.17 0.65
C SER A 98 -16.37 -20.28 -0.40
N ILE A 99 -17.51 -20.82 0.00
CA ILE A 99 -18.63 -21.07 -0.91
C ILE A 99 -19.71 -20.02 -0.68
N ARG A 100 -20.08 -19.29 -1.73
CA ARG A 100 -21.10 -18.27 -1.58
C ARG A 100 -22.52 -18.85 -1.54
N TYR A 101 -23.43 -18.11 -0.94
CA TYR A 101 -24.85 -18.45 -0.98
C TYR A 101 -25.29 -18.57 -2.42
N LYS A 102 -26.28 -19.41 -2.66
CA LYS A 102 -26.86 -19.51 -3.99
C LYS A 102 -27.80 -18.32 -4.15
N VAL A 103 -27.85 -17.78 -5.35
CA VAL A 103 -28.80 -16.73 -5.68
C VAL A 103 -30.17 -17.37 -5.81
N VAL A 104 -31.06 -17.10 -4.86
CA VAL A 104 -32.39 -17.69 -4.87
C VAL A 104 -33.49 -16.67 -5.16
N ALA A 105 -33.23 -15.40 -4.86
CA ALA A 105 -34.20 -14.34 -5.10
C ALA A 105 -33.55 -13.12 -5.76
N PRO A 106 -33.29 -13.20 -7.08
CA PRO A 106 -32.61 -12.18 -7.88
C PRO A 106 -33.34 -10.83 -7.87
N HIS A 107 -34.61 -10.82 -7.48
CA HIS A 107 -35.43 -9.61 -7.48
C HIS A 107 -35.49 -8.96 -6.10
N ARG A 108 -34.69 -9.43 -5.17
CA ARG A 108 -34.69 -8.93 -3.80
C ARG A 108 -33.27 -8.53 -3.39
N TYR A 109 -33.16 -7.53 -2.52
CA TYR A 109 -31.87 -7.14 -1.97
C TYR A 109 -31.21 -8.33 -1.27
N ARG A 110 -32.01 -9.05 -0.49
CA ARG A 110 -31.57 -10.26 0.17
C ARG A 110 -31.71 -11.43 -0.80
N TRP A 111 -30.83 -11.47 -1.79
CA TRP A 111 -30.97 -12.38 -2.92
C TRP A 111 -30.66 -13.82 -2.51
N TYR A 112 -30.17 -13.99 -1.28
CA TYR A 112 -29.72 -15.30 -0.79
C TYR A 112 -30.79 -15.94 0.09
N SER A 113 -31.88 -15.24 0.31
CA SER A 113 -32.91 -15.70 1.25
C SER A 113 -34.08 -16.38 0.56
N PRO A 114 -34.29 -17.67 0.85
CA PRO A 114 -35.41 -18.41 0.27
C PRO A 114 -36.72 -17.84 0.80
N ASN A 115 -36.71 -17.35 2.03
CA ASN A 115 -37.87 -16.71 2.63
C ASN A 115 -38.42 -15.52 1.85
N GLU A 116 -37.66 -15.01 0.88
CA GLU A 116 -38.10 -13.82 0.14
C GLU A 116 -38.42 -14.10 -1.31
N LYS A 117 -38.26 -15.34 -1.75
CA LYS A 117 -38.51 -15.67 -3.15
C LYS A 117 -39.87 -15.13 -3.61
N HIS A 118 -40.85 -15.17 -2.71
CA HIS A 118 -42.23 -14.88 -3.11
C HIS A 118 -42.55 -13.39 -3.15
N LEU A 119 -41.70 -12.58 -2.53
CA LEU A 119 -41.97 -11.14 -2.40
C LEU A 119 -41.79 -10.39 -3.72
N GLY A 120 -42.14 -9.11 -3.72
CA GLY A 120 -42.12 -8.28 -4.92
C GLY A 120 -40.72 -7.87 -5.39
N ILE A 121 -40.62 -7.47 -6.65
CA ILE A 121 -39.35 -7.03 -7.21
C ILE A 121 -38.95 -5.66 -6.64
N GLU A 122 -37.75 -5.59 -6.06
CA GLU A 122 -37.25 -4.38 -5.43
C GLU A 122 -36.40 -3.56 -6.38
N VAL A 123 -36.61 -2.24 -6.36
CA VAL A 123 -35.87 -1.31 -7.22
C VAL A 123 -34.36 -1.46 -6.99
N GLY A 124 -33.61 -1.69 -8.06
CA GLY A 124 -32.17 -1.81 -7.94
C GLY A 124 -31.68 -3.24 -7.86
N SER A 125 -32.59 -4.17 -7.62
CA SER A 125 -32.22 -5.60 -7.61
C SER A 125 -31.82 -6.00 -9.00
N LYS A 126 -31.07 -7.09 -9.10
CA LYS A 126 -30.62 -7.58 -10.40
C LYS A 126 -31.80 -7.72 -11.37
N THR A 127 -32.88 -8.34 -10.92
CA THR A 127 -34.04 -8.51 -11.79
C THR A 127 -34.61 -7.15 -12.21
N TRP A 128 -34.81 -6.24 -11.26
CA TRP A 128 -35.39 -4.93 -11.60
C TRP A 128 -34.56 -4.17 -12.63
N ILE A 129 -33.24 -4.26 -12.52
CA ILE A 129 -32.36 -3.51 -13.39
C ILE A 129 -32.38 -4.07 -14.80
N GLU A 130 -32.34 -5.39 -14.91
CA GLU A 130 -32.36 -6.01 -16.24
C GLU A 130 -33.62 -5.62 -16.99
N ASP A 131 -34.73 -5.49 -16.29
CA ASP A 131 -35.97 -5.01 -16.91
C ASP A 131 -35.90 -3.49 -17.22
N PHE A 132 -35.45 -2.69 -16.26
CA PHE A 132 -35.41 -1.25 -16.44
C PHE A 132 -34.59 -0.86 -17.65
N ILE A 133 -33.50 -1.58 -17.90
CA ILE A 133 -32.66 -1.31 -19.04
C ILE A 133 -33.42 -1.39 -20.36
N THR A 134 -34.45 -2.23 -20.41
CA THR A 134 -35.21 -2.41 -21.64
C THR A 134 -36.28 -1.34 -21.88
N ARG A 135 -36.71 -0.67 -20.80
CA ARG A 135 -37.75 0.35 -20.93
C ARG A 135 -37.30 1.77 -20.56
N GLU A 136 -36.02 1.95 -20.25
CA GLU A 136 -35.58 3.23 -19.70
C GLU A 136 -35.50 4.35 -20.73
N ASN A 137 -35.27 3.98 -21.99
CA ASN A 137 -35.17 4.98 -23.04
C ASN A 137 -36.51 5.61 -23.40
N THR A 138 -37.57 5.17 -22.71
CA THR A 138 -38.89 5.75 -22.92
C THR A 138 -39.22 6.84 -21.91
N VAL A 139 -38.31 7.12 -20.99
CA VAL A 139 -38.45 8.28 -20.11
C VAL A 139 -38.23 9.54 -20.98
N PRO A 140 -39.11 10.53 -20.86
CA PRO A 140 -39.06 11.72 -21.71
C PRO A 140 -37.73 12.45 -21.60
N SER A 141 -37.29 13.10 -22.67
CA SER A 141 -36.16 14.01 -22.60
C SER A 141 -36.61 15.32 -21.93
N PRO A 142 -35.67 16.11 -21.39
CA PRO A 142 -36.08 17.28 -20.63
C PRO A 142 -36.39 18.45 -21.55
N THR A 143 -37.11 19.44 -21.04
CA THR A 143 -37.38 20.64 -21.82
C THR A 143 -36.13 21.50 -21.87
N ASP A 144 -36.19 22.59 -22.65
CA ASP A 144 -35.10 23.53 -22.77
C ASP A 144 -34.93 24.35 -21.50
N ASP A 145 -36.01 24.46 -20.73
CA ASP A 145 -35.96 25.16 -19.45
C ASP A 145 -35.21 24.39 -18.36
N GLU A 146 -35.10 23.08 -18.55
CA GLU A 146 -34.52 22.20 -17.55
C GLU A 146 -33.06 21.92 -17.83
N VAL A 147 -32.73 21.72 -19.09
CA VAL A 147 -31.38 21.31 -19.46
C VAL A 147 -30.91 22.03 -20.71
N CYS A 148 -29.69 22.55 -20.66
CA CYS A 148 -29.12 23.18 -21.81
C CYS A 148 -27.91 22.36 -22.28
N ILE A 149 -28.01 21.81 -23.49
CA ILE A 149 -26.87 21.15 -24.11
C ILE A 149 -26.07 22.13 -24.98
N VAL A 150 -24.77 22.21 -24.75
CA VAL A 150 -23.94 23.11 -25.53
C VAL A 150 -22.74 22.35 -26.08
N GLU A 151 -22.18 22.86 -27.17
CA GLU A 151 -21.09 22.22 -27.89
C GLU A 151 -19.78 22.20 -27.14
N ASP A 152 -19.48 23.27 -26.41
CA ASP A 152 -18.23 23.31 -25.65
C ASP A 152 -18.28 24.28 -24.48
N GLY A 153 -17.14 24.46 -23.81
CA GLY A 153 -17.06 25.36 -22.68
C GLY A 153 -17.29 26.83 -23.01
N TYR A 154 -16.89 27.25 -24.22
CA TYR A 154 -17.14 28.62 -24.67
C TYR A 154 -18.63 28.88 -24.81
N GLU A 155 -19.35 27.97 -25.46
CA GLU A 155 -20.78 28.12 -25.53
C GLU A 155 -21.44 28.01 -24.14
N PHE A 156 -20.83 27.23 -23.24
CA PHE A 156 -21.37 27.11 -21.90
C PHE A 156 -21.26 28.46 -21.21
N ARG A 157 -20.06 29.05 -21.24
CA ARG A 157 -19.87 30.36 -20.61
C ARG A 157 -20.88 31.39 -21.10
N ARG A 158 -21.07 31.49 -22.41
CA ARG A 158 -22.05 32.41 -23.00
C ARG A 158 -23.44 32.18 -22.45
N GLU A 159 -23.89 30.93 -22.52
CA GLU A 159 -25.24 30.58 -22.07
C GLU A 159 -25.44 30.77 -20.57
N PHE A 160 -24.43 30.39 -19.79
CA PHE A 160 -24.44 30.54 -18.34
C PHE A 160 -24.69 32.00 -18.00
N GLU A 161 -23.82 32.87 -18.51
CA GLU A 161 -23.88 34.30 -18.26
C GLU A 161 -25.18 34.94 -18.76
N LYS A 162 -25.62 34.55 -19.95
CA LYS A 162 -26.91 34.99 -20.48
C LYS A 162 -28.09 34.68 -19.54
N LEU A 163 -27.98 33.60 -18.76
CA LEU A 163 -29.06 33.22 -17.85
C LEU A 163 -28.88 33.85 -16.47
N GLY A 164 -27.83 34.66 -16.30
CA GLY A 164 -27.61 35.33 -15.05
C GLY A 164 -26.35 34.95 -14.30
N GLY A 165 -25.62 33.97 -14.80
CA GLY A 165 -24.39 33.55 -14.13
C GLY A 165 -24.64 32.68 -12.91
N ALA A 166 -23.61 32.52 -12.09
CA ALA A 166 -23.70 31.61 -10.96
C ALA A 166 -24.75 32.09 -9.96
N ASP A 167 -24.87 33.40 -9.81
CA ASP A 167 -25.83 33.98 -8.88
C ASP A 167 -27.25 33.53 -9.18
N ASN A 168 -27.48 33.06 -10.40
CA ASN A 168 -28.82 32.69 -10.83
C ASN A 168 -28.85 31.31 -11.44
N TRP A 169 -27.90 30.47 -11.06
CA TRP A 169 -27.76 29.16 -11.67
C TRP A 169 -28.93 28.23 -11.31
N GLY A 170 -29.71 27.83 -12.31
CA GLY A 170 -30.94 27.11 -12.06
C GLY A 170 -31.24 25.95 -12.97
N LYS A 171 -30.51 25.84 -14.08
CA LYS A 171 -30.75 24.69 -14.94
C LYS A 171 -29.52 23.79 -15.03
N VAL A 172 -29.72 22.58 -15.55
CA VAL A 172 -28.63 21.65 -15.74
C VAL A 172 -27.93 21.90 -17.08
N PHE A 173 -26.60 21.82 -17.11
CA PHE A 173 -25.85 21.97 -18.36
C PHE A 173 -25.09 20.70 -18.72
N MET A 174 -25.17 20.30 -19.99
CA MET A 174 -24.31 19.23 -20.50
C MET A 174 -23.37 19.82 -21.55
N VAL A 175 -22.08 19.64 -21.34
CA VAL A 175 -21.10 20.24 -22.23
C VAL A 175 -20.33 19.19 -23.02
N LYS A 176 -20.50 19.19 -24.34
CA LYS A 176 -20.00 18.09 -25.18
C LYS A 176 -18.50 17.98 -25.27
N ASP A 177 -17.81 19.11 -25.32
CA ASP A 177 -16.34 19.14 -25.40
C ASP A 177 -15.87 20.05 -24.28
N MET A 178 -14.86 19.64 -23.52
CA MET A 178 -14.46 20.40 -22.35
C MET A 178 -13.59 21.61 -22.67
N ASP A 179 -13.35 21.83 -23.96
CA ASP A 179 -12.51 22.95 -24.40
C ASP A 179 -13.23 24.25 -24.04
N GLY A 180 -12.57 25.08 -23.24
CA GLY A 180 -13.18 26.33 -22.82
C GLY A 180 -13.69 26.29 -21.38
N LEU A 181 -13.80 25.09 -20.81
CA LEU A 181 -14.26 24.95 -19.43
C LEU A 181 -13.13 25.25 -18.46
N ASN A 182 -11.91 25.26 -18.97
CA ASN A 182 -10.77 25.50 -18.11
C ASN A 182 -10.83 24.52 -16.93
N MET A 183 -11.01 23.24 -17.26
CA MET A 183 -11.12 22.16 -16.29
C MET A 183 -10.03 21.10 -16.51
N THR A 184 -9.10 21.02 -15.58
CA THR A 184 -8.00 20.07 -15.72
C THR A 184 -8.44 18.63 -15.49
N MET A 185 -8.32 17.82 -16.54
CA MET A 185 -8.63 16.39 -16.50
C MET A 185 -7.49 15.56 -17.11
N PRO A 186 -7.37 14.29 -16.68
CA PRO A 186 -6.31 13.44 -17.20
C PRO A 186 -6.50 13.16 -18.70
N LYS A 187 -5.40 12.94 -19.40
CA LYS A 187 -5.44 12.61 -20.83
C LYS A 187 -6.20 11.32 -21.07
N PRO A 188 -7.15 11.32 -22.04
CA PRO A 188 -7.96 10.12 -22.30
C PRO A 188 -7.09 8.89 -22.53
N GLY A 189 -7.67 7.72 -22.30
CA GLY A 189 -6.89 6.50 -22.19
C GLY A 189 -6.67 6.20 -20.71
N PHE A 190 -6.37 7.26 -19.94
CA PHE A 190 -6.22 7.17 -18.48
C PHE A 190 -7.30 6.26 -17.92
N ASP A 191 -6.95 5.41 -16.97
CA ASP A 191 -7.98 4.55 -16.40
C ASP A 191 -7.69 3.99 -15.03
N LEU A 192 -8.55 3.05 -14.63
CA LEU A 192 -8.57 2.53 -13.28
C LEU A 192 -7.19 2.07 -12.89
N GLU A 193 -6.50 1.42 -13.83
CA GLU A 193 -5.14 0.94 -13.59
C GLU A 193 -4.24 2.04 -13.04
N ASP A 194 -4.30 3.21 -13.66
CA ASP A 194 -3.52 4.35 -13.21
C ASP A 194 -3.99 4.87 -11.87
N VAL A 195 -5.30 4.86 -11.65
CA VAL A 195 -5.83 5.24 -10.35
C VAL A 195 -5.28 4.36 -9.24
N VAL A 196 -5.34 3.04 -9.39
CA VAL A 196 -4.82 2.18 -8.32
C VAL A 196 -3.30 2.32 -8.16
N LYS A 197 -2.60 2.59 -9.25
CA LYS A 197 -1.16 2.86 -9.17
C LYS A 197 -0.87 4.08 -8.29
N ILE A 198 -1.63 5.15 -8.51
CA ILE A 198 -1.46 6.39 -7.75
C ILE A 198 -1.98 6.31 -6.31
N MET A 199 -3.17 5.73 -6.13
CA MET A 199 -3.79 5.70 -4.80
C MET A 199 -3.24 4.57 -3.94
N GLY A 200 -2.76 3.50 -4.58
CA GLY A 200 -2.30 2.33 -3.86
C GLY A 200 -3.32 1.20 -3.84
N SER A 201 -2.81 -0.02 -3.94
CA SER A 201 -3.64 -1.23 -3.99
C SER A 201 -4.56 -1.41 -2.79
N ASP A 202 -4.08 -1.07 -1.61
CA ASP A 202 -4.82 -1.32 -0.38
C ASP A 202 -5.68 -0.14 0.04
N TYR A 203 -5.78 0.88 -0.82
CA TYR A 203 -6.63 2.01 -0.52
C TYR A 203 -8.08 1.53 -0.40
N GLU A 204 -8.74 1.86 0.72
CA GLU A 204 -10.15 1.47 0.94
C GLU A 204 -11.12 2.43 0.29
N VAL A 205 -12.08 1.89 -0.45
CA VAL A 205 -13.10 2.73 -1.06
C VAL A 205 -14.50 2.24 -0.66
N ASP A 206 -15.37 3.18 -0.27
CA ASP A 206 -16.76 2.84 0.03
C ASP A 206 -17.47 2.49 -1.27
N THR A 207 -17.90 1.25 -1.39
CA THR A 207 -18.36 0.73 -2.67
C THR A 207 -19.81 0.27 -2.55
N ILE A 208 -20.61 0.62 -3.55
CA ILE A 208 -22.00 0.18 -3.57
C ILE A 208 -22.06 -1.24 -4.14
N ASP A 209 -22.64 -2.14 -3.37
CA ASP A 209 -23.04 -3.46 -3.83
C ASP A 209 -24.38 -3.19 -4.49
N VAL A 210 -24.38 -3.09 -5.82
CA VAL A 210 -25.56 -2.60 -6.53
C VAL A 210 -26.82 -3.44 -6.31
N TYR A 211 -26.72 -4.75 -6.47
CA TYR A 211 -27.89 -5.61 -6.28
C TYR A 211 -28.38 -5.63 -4.84
N ASN A 212 -27.49 -5.39 -3.89
CA ASN A 212 -27.86 -5.43 -2.48
C ASN A 212 -28.30 -4.03 -2.05
N GLN A 213 -28.13 -3.08 -2.97
CA GLN A 213 -28.33 -1.66 -2.67
C GLN A 213 -27.76 -1.27 -1.30
N SER A 214 -26.52 -1.65 -1.04
CA SER A 214 -25.86 -1.28 0.21
C SER A 214 -24.43 -0.92 -0.06
N THR A 215 -23.79 -0.27 0.90
CA THR A 215 -22.44 0.25 0.77
C THR A 215 -21.48 -0.46 1.72
N TYR A 216 -20.36 -0.92 1.17
CA TYR A 216 -19.35 -1.64 1.93
C TYR A 216 -17.97 -1.21 1.48
N SER A 217 -17.00 -1.25 2.37
CA SER A 217 -15.64 -0.94 1.94
C SER A 217 -15.01 -2.11 1.17
N MET A 218 -14.12 -1.77 0.25
CA MET A 218 -13.48 -2.70 -0.65
C MET A 218 -12.19 -2.04 -1.03
N LYS A 219 -11.10 -2.82 -1.10
CA LYS A 219 -9.81 -2.28 -1.52
C LYS A 219 -9.82 -1.93 -3.02
N LEU A 220 -9.13 -0.87 -3.37
CA LEU A 220 -9.07 -0.43 -4.75
C LEU A 220 -8.61 -1.57 -5.67
N ASP A 221 -7.59 -2.31 -5.25
CA ASP A 221 -7.09 -3.41 -6.07
C ASP A 221 -8.14 -4.51 -6.27
N THR A 222 -8.89 -4.78 -5.21
CA THR A 222 -9.98 -5.75 -5.27
C THR A 222 -11.04 -5.32 -6.28
N PHE A 223 -11.49 -4.06 -6.18
CA PHE A 223 -12.40 -3.53 -7.19
C PHE A 223 -11.80 -3.65 -8.60
N ARG A 224 -10.51 -3.36 -8.71
CA ARG A 224 -9.82 -3.43 -10.00
C ARG A 224 -9.94 -4.84 -10.57
N LYS A 225 -9.68 -5.84 -9.74
CA LYS A 225 -9.74 -7.24 -10.14
C LYS A 225 -11.13 -7.65 -10.62
N LEU A 226 -12.15 -7.27 -9.86
CA LEU A 226 -13.53 -7.60 -10.21
C LEU A 226 -13.98 -6.88 -11.48
N PHE A 227 -13.53 -5.63 -11.62
CA PHE A 227 -13.89 -4.81 -12.77
C PHE A 227 -13.32 -5.38 -14.06
N ARG A 228 -12.08 -5.86 -13.99
CA ARG A 228 -11.41 -6.36 -15.19
C ARG A 228 -11.89 -7.77 -15.58
N ASP A 229 -12.74 -8.38 -14.76
CA ASP A 229 -13.32 -9.68 -15.08
C ASP A 229 -14.70 -9.43 -15.64
N THR A 230 -14.76 -9.32 -16.95
CA THR A 230 -15.93 -8.84 -17.67
C THR A 230 -17.06 -9.85 -17.82
N LYS A 231 -16.72 -11.13 -17.81
CA LYS A 231 -17.70 -12.18 -18.06
C LYS A 231 -18.29 -12.72 -16.76
N ASN A 232 -17.49 -12.75 -15.70
CA ASN A 232 -17.93 -13.25 -14.40
C ASN A 232 -18.27 -12.12 -13.42
N ARG A 233 -19.54 -11.71 -13.42
CA ARG A 233 -19.98 -10.65 -12.51
C ARG A 233 -21.26 -11.05 -11.78
N PRO A 234 -21.13 -11.99 -10.83
CA PRO A 234 -22.28 -12.41 -10.01
C PRO A 234 -22.91 -11.20 -9.34
N LEU A 235 -22.07 -10.27 -8.90
CA LEU A 235 -22.53 -9.04 -8.28
C LEU A 235 -21.93 -7.83 -9.01
N LEU A 236 -22.65 -6.72 -9.05
CA LEU A 236 -22.14 -5.49 -9.67
C LEU A 236 -21.67 -4.54 -8.60
N TYR A 237 -20.53 -3.90 -8.82
CA TYR A 237 -20.01 -2.90 -7.90
C TYR A 237 -19.78 -1.52 -8.52
N ASN A 238 -19.91 -0.49 -7.69
CA ASN A 238 -19.91 0.88 -8.14
C ASN A 238 -19.42 1.79 -7.01
N PHE A 239 -18.28 2.46 -7.18
CA PHE A 239 -17.89 3.43 -6.15
C PHE A 239 -18.09 4.88 -6.57
N LEU A 240 -18.48 5.74 -5.63
CA LEU A 240 -18.85 7.13 -5.93
C LEU A 240 -18.06 8.17 -5.12
N SER A 241 -17.23 7.72 -4.19
CA SER A 241 -16.72 8.61 -3.15
C SER A 241 -15.24 8.48 -2.88
N LEU A 242 -14.47 8.12 -3.89
CA LEU A 242 -13.02 8.08 -3.75
C LEU A 242 -12.52 9.53 -3.81
N GLU A 243 -12.25 10.12 -2.65
CA GLU A 243 -11.92 11.55 -2.58
C GLU A 243 -10.41 11.71 -2.51
N PHE A 244 -9.82 12.39 -3.48
CA PHE A 244 -8.37 12.36 -3.64
C PHE A 244 -7.69 13.71 -3.51
N SER A 245 -8.36 14.66 -2.87
CA SER A 245 -7.87 16.02 -2.82
C SER A 245 -6.65 16.13 -1.89
N ASP A 246 -6.47 15.11 -1.05
CA ASP A 246 -5.32 15.06 -0.15
C ASP A 246 -4.20 14.17 -0.71
N ASN A 247 -4.33 13.76 -1.97
CA ASN A 247 -3.27 13.02 -2.65
C ASN A 247 -2.56 13.93 -3.62
N ASN A 248 -1.29 14.20 -3.33
CA ASN A 248 -0.51 15.23 -4.04
C ASN A 248 -0.40 15.00 -5.54
N GLU A 249 -0.34 13.74 -5.94
CA GLU A 249 -0.26 13.45 -7.37
C GLU A 249 -1.62 13.58 -8.03
N MET A 250 -2.61 12.87 -7.49
CA MET A 250 -3.94 12.85 -8.08
C MET A 250 -4.60 14.23 -8.09
N LYS A 251 -4.41 15.00 -7.02
CA LYS A 251 -5.12 16.27 -6.90
C LYS A 251 -4.76 17.24 -8.02
N GLU A 252 -3.66 16.96 -8.72
CA GLU A 252 -3.22 17.81 -9.84
C GLU A 252 -3.72 17.28 -11.18
N ILE A 253 -4.15 16.02 -11.20
CA ILE A 253 -4.58 15.36 -12.43
C ILE A 253 -6.01 15.74 -12.84
N ALA A 254 -6.85 16.05 -11.85
CA ALA A 254 -8.29 16.20 -12.05
C ALA A 254 -8.85 17.26 -11.12
N LYS A 255 -9.30 18.37 -11.70
CA LYS A 255 -9.71 19.52 -10.93
C LYS A 255 -11.07 20.03 -11.40
N PRO A 256 -11.80 20.73 -10.52
CA PRO A 256 -13.09 21.29 -10.95
C PRO A 256 -12.88 22.38 -12.01
N PRO A 257 -13.89 22.61 -12.86
CA PRO A 257 -13.78 23.76 -13.77
C PRO A 257 -13.42 25.01 -12.97
N ARG A 258 -12.63 25.90 -13.56
CA ARG A 258 -12.21 27.14 -12.90
C ARG A 258 -13.40 27.92 -12.31
N PHE A 259 -14.51 27.97 -13.04
CA PHE A 259 -15.69 28.72 -12.57
C PHE A 259 -16.28 28.10 -11.29
N VAL A 260 -16.08 26.81 -11.09
CA VAL A 260 -16.51 26.16 -9.85
C VAL A 260 -15.60 26.55 -8.69
N GLN A 261 -14.30 26.56 -8.93
CA GLN A 261 -13.33 26.97 -7.93
C GLN A 261 -13.58 28.41 -7.49
N GLU A 262 -14.03 29.23 -8.42
CA GLU A 262 -14.27 30.65 -8.15
C GLU A 262 -15.48 30.86 -7.22
N ILE A 263 -16.43 29.93 -7.22
CA ILE A 263 -17.67 30.11 -6.45
C ILE A 263 -17.82 29.14 -5.27
N SER A 264 -17.01 28.08 -5.24
CA SER A 264 -17.06 27.13 -4.13
C SER A 264 -16.82 27.80 -2.78
N MET A 265 -17.76 27.66 -1.85
CA MET A 265 -17.60 28.23 -0.51
C MET A 265 -16.47 27.55 0.28
N VAL A 266 -16.29 26.25 0.09
CA VAL A 266 -15.18 25.55 0.75
C VAL A 266 -13.83 26.09 0.26
N ASN A 267 -13.69 26.24 -1.05
CA ASN A 267 -12.46 26.81 -1.61
C ASN A 267 -12.17 28.22 -1.09
N ARG A 268 -13.21 29.04 -0.96
CA ARG A 268 -13.05 30.38 -0.41
C ARG A 268 -12.52 30.35 1.02
N LEU A 269 -12.94 29.35 1.79
CA LEU A 269 -12.59 29.25 3.21
C LEU A 269 -11.28 28.49 3.46
N TRP A 270 -10.99 27.50 2.62
CA TRP A 270 -9.78 26.70 2.76
C TRP A 270 -9.00 26.68 1.45
N PRO A 271 -8.35 27.80 1.10
CA PRO A 271 -7.75 28.00 -0.23
C PRO A 271 -6.61 27.01 -0.50
N ASP A 272 -6.27 26.86 -1.77
CA ASP A 272 -5.15 26.02 -2.22
C ASP A 272 -4.05 25.88 -1.16
N VAL A 273 -4.02 24.71 -0.51
CA VAL A 273 -2.97 24.35 0.44
C VAL A 273 -3.29 23.00 1.10
N TYR A 287 -5.00 29.41 7.93
CA TYR A 287 -6.10 29.74 8.83
C TYR A 287 -7.28 28.78 8.61
N LEU A 288 -7.86 28.30 9.72
CA LEU A 288 -8.87 27.23 9.68
C LEU A 288 -8.20 25.87 9.47
N PRO A 289 -8.36 24.97 10.45
CA PRO A 289 -7.72 23.65 10.47
C PRO A 289 -8.06 22.82 9.24
N GLU A 290 -7.04 22.22 8.63
CA GLU A 290 -7.24 21.39 7.45
C GLU A 290 -8.19 20.23 7.71
N ASP A 291 -8.21 19.72 8.94
CA ASP A 291 -9.04 18.57 9.27
C ASP A 291 -10.52 18.93 9.45
N GLN A 292 -10.85 20.19 9.24
CA GLN A 292 -12.24 20.63 9.31
C GLN A 292 -12.85 20.85 7.92
N ARG A 293 -11.97 20.93 6.91
CA ARG A 293 -12.42 21.10 5.54
C ARG A 293 -13.37 19.99 5.08
N PRO A 294 -14.56 20.37 4.61
CA PRO A 294 -15.38 19.35 3.94
C PRO A 294 -14.56 18.85 2.77
N LYS A 295 -14.42 17.55 2.63
CA LYS A 295 -13.58 17.02 1.57
C LYS A 295 -14.45 16.36 0.51
N VAL A 296 -15.06 17.16 -0.37
CA VAL A 296 -16.00 16.60 -1.32
C VAL A 296 -15.92 17.15 -2.73
N GLU A 297 -14.87 17.90 -3.05
CA GLU A 297 -14.83 18.61 -4.33
C GLU A 297 -14.07 17.83 -5.39
N GLN A 298 -13.35 16.80 -4.98
CA GLN A 298 -12.61 15.98 -5.95
C GLN A 298 -12.82 14.47 -5.75
N PHE A 299 -13.80 13.93 -6.47
CA PHE A 299 -14.16 12.54 -6.34
C PHE A 299 -13.82 11.82 -7.61
N CYS A 300 -13.32 10.60 -7.47
CA CYS A 300 -13.22 9.73 -8.64
C CYS A 300 -14.30 8.68 -8.51
N LEU A 301 -15.01 8.41 -9.60
CA LEU A 301 -16.09 7.43 -9.61
C LEU A 301 -15.87 6.34 -10.67
N ALA A 302 -16.14 5.09 -10.30
CA ALA A 302 -16.05 3.99 -11.24
C ALA A 302 -17.16 2.99 -11.01
N GLY A 303 -17.80 2.55 -12.09
CA GLY A 303 -18.92 1.65 -11.98
C GLY A 303 -18.98 0.58 -13.05
N MET A 304 -19.47 -0.60 -12.69
CA MET A 304 -19.66 -1.66 -13.64
C MET A 304 -20.91 -1.40 -14.46
N ALA A 305 -20.90 -1.88 -15.70
CA ALA A 305 -22.07 -1.78 -16.57
C ALA A 305 -23.26 -2.43 -15.87
N GLY A 306 -24.40 -1.73 -15.88
CA GLY A 306 -25.59 -2.21 -15.21
C GLY A 306 -25.82 -1.55 -13.85
N SER A 307 -24.80 -0.90 -13.31
CA SER A 307 -24.91 -0.28 -11.98
C SER A 307 -26.04 0.74 -11.96
N TYR A 308 -26.78 0.78 -10.84
CA TYR A 308 -27.85 1.74 -10.66
C TYR A 308 -27.77 2.40 -9.30
N THR A 309 -27.86 3.73 -9.29
CA THR A 309 -27.92 4.53 -8.07
C THR A 309 -29.32 5.13 -8.02
N ASP A 310 -30.00 4.97 -6.90
CA ASP A 310 -31.41 5.37 -6.85
C ASP A 310 -31.56 6.88 -6.59
N PHE A 311 -32.78 7.37 -6.74
CA PHE A 311 -33.06 8.80 -6.61
C PHE A 311 -32.55 9.40 -5.31
N HIS A 312 -31.93 10.56 -5.41
CA HIS A 312 -31.46 11.28 -4.23
C HIS A 312 -31.26 12.74 -4.60
N VAL A 313 -31.11 13.58 -3.58
CA VAL A 313 -30.66 14.95 -3.76
C VAL A 313 -29.28 14.95 -3.15
N ASP A 314 -28.29 15.52 -3.84
CA ASP A 314 -26.91 15.54 -3.33
C ASP A 314 -26.87 16.23 -1.98
N PHE A 315 -26.00 15.77 -1.10
CA PHE A 315 -26.01 16.22 0.29
C PHE A 315 -25.77 17.74 0.45
N GLY A 316 -26.42 18.33 1.45
CA GLY A 316 -26.34 19.76 1.68
C GLY A 316 -26.92 20.61 0.56
N GLY A 317 -27.67 19.99 -0.34
CA GLY A 317 -28.11 20.67 -1.54
C GLY A 317 -26.95 21.14 -2.40
N SER A 318 -25.82 20.42 -2.36
CA SER A 318 -24.65 20.81 -3.14
C SER A 318 -24.88 20.70 -4.65
N SER A 319 -24.18 21.55 -5.40
CA SER A 319 -24.06 21.41 -6.85
C SER A 319 -22.91 20.44 -7.18
N VAL A 320 -22.87 19.91 -8.39
CA VAL A 320 -21.83 18.96 -8.76
C VAL A 320 -21.44 19.14 -10.21
N TYR A 321 -20.21 18.73 -10.52
CA TYR A 321 -19.78 18.58 -11.91
C TYR A 321 -19.32 17.14 -12.07
N TYR A 322 -19.53 16.56 -13.25
CA TYR A 322 -19.03 15.23 -13.58
C TYR A 322 -18.42 15.27 -14.97
N HIS A 323 -17.18 14.82 -15.10
CA HIS A 323 -16.61 14.62 -16.43
C HIS A 323 -16.47 13.12 -16.72
N ILE A 324 -17.03 12.66 -17.83
CA ILE A 324 -17.00 11.24 -18.18
C ILE A 324 -15.73 10.88 -18.92
N LEU A 325 -14.74 10.39 -18.19
CA LEU A 325 -13.47 10.02 -18.79
C LEU A 325 -13.60 8.77 -19.66
N LYS A 326 -14.37 7.81 -19.18
CA LYS A 326 -14.61 6.57 -19.92
C LYS A 326 -16.01 6.04 -19.69
N GLY A 327 -16.71 5.67 -20.76
CA GLY A 327 -17.99 5.04 -20.63
C GLY A 327 -19.17 5.97 -20.82
N GLU A 328 -20.18 5.81 -19.96
CA GLU A 328 -21.43 6.52 -20.14
C GLU A 328 -22.28 6.52 -18.86
N LYS A 329 -23.00 7.62 -18.64
CA LYS A 329 -23.92 7.71 -17.51
C LYS A 329 -25.26 8.20 -18.02
N ILE A 330 -26.33 7.69 -17.44
CA ILE A 330 -27.66 8.22 -17.74
C ILE A 330 -28.32 8.70 -16.48
N PHE A 331 -28.64 10.00 -16.47
CA PHE A 331 -29.25 10.64 -15.32
C PHE A 331 -30.75 10.76 -15.54
N TYR A 332 -31.52 10.39 -14.51
CA TYR A 332 -32.96 10.58 -14.50
C TYR A 332 -33.21 11.66 -13.45
N ILE A 333 -33.69 12.81 -13.90
CA ILE A 333 -33.68 14.02 -13.07
C ILE A 333 -35.04 14.67 -12.98
N ALA A 334 -35.31 15.32 -11.85
CA ALA A 334 -36.52 16.10 -11.64
C ALA A 334 -36.16 17.42 -10.97
N ALA A 335 -36.76 18.50 -11.46
CA ALA A 335 -36.45 19.84 -11.01
C ALA A 335 -36.80 20.01 -9.54
N PRO A 336 -36.09 20.91 -8.84
CA PRO A 336 -36.29 21.14 -7.40
C PRO A 336 -37.51 22.00 -7.06
N THR A 337 -38.71 21.56 -7.43
CA THR A 337 -39.91 22.29 -7.01
C THR A 337 -40.40 21.81 -5.66
N GLU A 338 -41.20 22.63 -5.00
CA GLU A 338 -41.77 22.22 -3.71
C GLU A 338 -42.57 20.92 -3.85
N GLN A 339 -43.34 20.80 -4.94
CA GLN A 339 -44.13 19.60 -5.16
C GLN A 339 -43.24 18.37 -5.39
N ASN A 340 -42.19 18.52 -6.19
CA ASN A 340 -41.25 17.42 -6.38
C ASN A 340 -40.56 17.00 -5.08
N PHE A 341 -40.19 17.97 -4.25
CA PHE A 341 -39.56 17.66 -2.97
C PHE A 341 -40.54 16.85 -2.12
N ALA A 342 -41.80 17.30 -2.03
CA ALA A 342 -42.79 16.61 -1.19
C ALA A 342 -43.03 15.17 -1.66
N ALA A 343 -43.07 14.98 -2.97
CA ALA A 343 -43.27 13.66 -3.52
C ALA A 343 -42.03 12.82 -3.24
N TYR A 344 -40.85 13.41 -3.39
CA TYR A 344 -39.63 12.69 -3.11
C TYR A 344 -39.54 12.35 -1.62
N GLN A 345 -39.93 13.29 -0.76
CA GLN A 345 -39.93 13.02 0.67
C GLN A 345 -40.84 11.82 0.99
N ALA A 346 -42.04 11.79 0.41
CA ALA A 346 -42.99 10.71 0.63
C ALA A 346 -42.38 9.39 0.17
N HIS A 347 -41.74 9.42 -0.99
CA HIS A 347 -41.07 8.24 -1.52
C HIS A 347 -39.94 7.75 -0.62
N GLU A 348 -39.17 8.66 -0.06
CA GLU A 348 -38.04 8.29 0.80
C GLU A 348 -38.46 7.77 2.17
N THR A 349 -39.67 8.11 2.60
CA THR A 349 -40.12 7.72 3.92
C THR A 349 -41.08 6.53 3.85
N SER A 350 -41.46 6.15 2.63
CA SER A 350 -42.29 4.98 2.40
C SER A 350 -41.50 3.69 2.59
N PRO A 351 -42.15 2.66 3.14
CA PRO A 351 -41.47 1.39 3.38
C PRO A 351 -41.41 0.60 2.09
N ASP A 352 -42.25 0.98 1.14
CA ASP A 352 -42.29 0.33 -0.17
C ASP A 352 -40.91 0.38 -0.84
N THR A 353 -40.50 -0.74 -1.44
CA THR A 353 -39.21 -0.79 -2.13
C THR A 353 -39.41 -1.25 -3.55
N THR A 354 -40.66 -1.31 -3.98
CA THR A 354 -40.99 -1.90 -5.27
C THR A 354 -41.34 -0.86 -6.33
N THR A 355 -41.56 0.38 -5.92
CA THR A 355 -42.00 1.42 -6.86
C THR A 355 -40.88 2.39 -7.24
N TRP A 356 -40.61 2.50 -8.54
CA TRP A 356 -39.62 3.45 -9.04
C TRP A 356 -40.19 4.84 -8.95
N PHE A 357 -39.45 5.75 -8.30
CA PHE A 357 -39.91 7.14 -8.14
C PHE A 357 -40.40 7.77 -9.44
N GLY A 358 -39.72 7.51 -10.55
CA GLY A 358 -40.13 8.05 -11.83
C GLY A 358 -41.59 7.76 -12.17
N ASP A 359 -42.10 6.65 -11.65
CA ASP A 359 -43.44 6.20 -12.04
C ASP A 359 -44.54 6.86 -11.25
N ILE A 360 -44.20 7.46 -10.12
CA ILE A 360 -45.20 8.17 -9.32
C ILE A 360 -44.87 9.66 -9.17
N ALA A 361 -44.09 10.20 -10.09
CA ALA A 361 -43.61 11.57 -10.00
C ALA A 361 -44.36 12.53 -10.93
N ASN A 362 -45.56 12.11 -11.36
CA ASN A 362 -46.38 12.93 -12.24
C ASN A 362 -45.63 13.49 -13.46
N GLY A 363 -44.80 12.65 -14.08
CA GLY A 363 -44.09 13.05 -15.29
C GLY A 363 -42.92 14.02 -15.10
N ALA A 364 -42.51 14.25 -13.86
CA ALA A 364 -41.41 15.16 -13.60
C ALA A 364 -40.03 14.63 -14.03
N VAL A 365 -39.88 13.32 -14.09
CA VAL A 365 -38.55 12.74 -14.30
C VAL A 365 -38.16 12.71 -15.79
N LYS A 366 -36.95 13.16 -16.09
CA LYS A 366 -36.50 13.25 -17.46
C LYS A 366 -35.16 12.55 -17.60
N ARG A 367 -34.79 12.23 -18.84
CA ARG A 367 -33.62 11.42 -19.11
C ARG A 367 -32.52 12.21 -19.82
N VAL A 368 -31.31 12.20 -19.27
CA VAL A 368 -30.21 12.83 -19.98
C VAL A 368 -28.99 11.90 -20.04
N VAL A 369 -28.53 11.66 -21.25
CA VAL A 369 -27.41 10.79 -21.49
C VAL A 369 -26.14 11.62 -21.55
N ILE A 370 -25.09 11.13 -20.91
CA ILE A 370 -23.81 11.80 -20.93
C ILE A 370 -22.78 10.77 -21.34
N LYS A 371 -22.12 11.00 -22.47
CA LYS A 371 -21.20 10.02 -23.02
C LYS A 371 -19.76 10.43 -22.82
N GLU A 372 -18.86 9.54 -23.21
CA GLU A 372 -17.44 9.73 -22.96
C GLU A 372 -16.99 11.12 -23.45
N GLY A 373 -16.12 11.76 -22.68
CA GLY A 373 -15.63 13.09 -23.02
C GLY A 373 -16.57 14.25 -22.71
N GLN A 374 -17.83 13.96 -22.39
CA GLN A 374 -18.81 15.00 -22.06
C GLN A 374 -18.86 15.32 -20.57
N THR A 375 -19.40 16.49 -20.24
CA THR A 375 -19.37 17.00 -18.87
C THR A 375 -20.77 17.41 -18.43
N LEU A 376 -21.11 17.11 -17.18
CA LEU A 376 -22.45 17.46 -16.67
C LEU A 376 -22.34 18.39 -15.47
N LEU A 377 -23.19 19.41 -15.45
CA LEU A 377 -23.13 20.41 -14.40
C LEU A 377 -24.52 20.58 -13.82
N ILE A 378 -24.70 20.24 -12.54
CA ILE A 378 -26.02 20.29 -11.92
C ILE A 378 -26.04 21.23 -10.74
N PRO A 379 -26.96 22.20 -10.72
CA PRO A 379 -27.12 23.10 -9.57
C PRO A 379 -27.88 22.46 -8.41
N ALA A 380 -28.03 23.21 -7.34
CA ALA A 380 -28.63 22.72 -6.11
C ALA A 380 -30.04 22.16 -6.29
N GLY A 381 -30.29 21.01 -5.65
CA GLY A 381 -31.65 20.58 -5.39
C GLY A 381 -32.24 19.61 -6.37
N TRP A 382 -31.56 19.39 -7.50
CA TRP A 382 -32.08 18.49 -8.53
C TRP A 382 -32.11 17.05 -8.04
N ILE A 383 -33.29 16.42 -8.16
CA ILE A 383 -33.52 15.04 -7.76
C ILE A 383 -33.10 14.10 -8.88
N HIS A 384 -32.20 13.16 -8.62
CA HIS A 384 -31.70 12.35 -9.72
C HIS A 384 -31.34 10.92 -9.33
N ALA A 385 -31.52 10.01 -10.29
CA ALA A 385 -31.01 8.64 -10.21
C ALA A 385 -30.11 8.47 -11.41
N VAL A 386 -29.20 7.52 -11.34
CA VAL A 386 -28.21 7.36 -12.38
C VAL A 386 -28.07 5.88 -12.74
N LEU A 387 -28.05 5.60 -14.04
CA LEU A 387 -27.76 4.26 -14.53
C LEU A 387 -26.43 4.32 -15.27
N THR A 388 -25.62 3.30 -15.11
CA THR A 388 -24.35 3.24 -15.79
C THR A 388 -24.40 2.07 -16.74
N PRO A 389 -24.74 2.32 -18.03
CA PRO A 389 -25.00 1.23 -18.99
C PRO A 389 -23.75 0.48 -19.43
N VAL A 390 -22.59 1.08 -19.22
CA VAL A 390 -21.34 0.56 -19.73
C VAL A 390 -20.28 0.79 -18.67
N ASP A 391 -19.24 -0.04 -18.64
CA ASP A 391 -18.19 0.13 -17.64
C ASP A 391 -17.71 1.59 -17.72
N SER A 392 -17.58 2.25 -16.57
CA SER A 392 -17.33 3.70 -16.60
C SER A 392 -16.31 4.21 -15.60
N LEU A 393 -15.62 5.28 -15.97
CA LEU A 393 -14.68 5.98 -15.10
C LEU A 393 -14.98 7.47 -15.15
N VAL A 394 -15.20 8.09 -13.99
CA VAL A 394 -15.74 9.45 -13.97
C VAL A 394 -15.04 10.28 -12.92
N PHE A 395 -14.81 11.54 -13.22
CA PHE A 395 -14.30 12.45 -12.21
C PHE A 395 -15.34 13.53 -11.96
N GLY A 396 -15.55 13.84 -10.69
CA GLY A 396 -16.58 14.80 -10.34
C GLY A 396 -16.35 15.36 -8.95
N GLY A 397 -17.31 16.13 -8.46
CA GLY A 397 -17.17 16.71 -7.14
C GLY A 397 -18.35 17.56 -6.78
N ASN A 398 -18.55 17.75 -5.48
CA ASN A 398 -19.63 18.55 -4.95
C ASN A 398 -19.15 19.89 -4.37
N PHE A 399 -20.00 20.90 -4.49
CA PHE A 399 -19.71 22.21 -3.92
C PHE A 399 -20.96 23.02 -3.58
N LEU A 400 -20.80 23.97 -2.67
CA LEU A 400 -21.86 24.89 -2.29
C LEU A 400 -21.44 26.26 -2.76
N HIS A 401 -22.40 27.11 -3.07
CA HIS A 401 -22.08 28.46 -3.48
C HIS A 401 -23.22 29.43 -3.14
N LEU A 402 -22.83 30.69 -2.90
CA LEU A 402 -23.76 31.75 -2.50
C LEU A 402 -24.97 31.89 -3.41
N GLY A 403 -24.78 31.65 -4.70
CA GLY A 403 -25.85 31.81 -5.67
C GLY A 403 -27.00 30.83 -5.50
N ASN A 404 -26.73 29.73 -4.80
CA ASN A 404 -27.73 28.70 -4.56
C ASN A 404 -27.95 28.54 -3.05
N LEU A 405 -27.59 29.57 -2.30
CA LEU A 405 -27.74 29.54 -0.86
C LEU A 405 -29.18 29.13 -0.44
N GLU A 406 -30.18 29.76 -1.03
CA GLU A 406 -31.55 29.48 -0.65
C GLU A 406 -31.93 28.03 -0.89
N MET A 407 -31.64 27.54 -2.08
CA MET A 407 -31.96 26.16 -2.43
C MET A 407 -31.19 25.21 -1.52
N GLN A 408 -29.95 25.60 -1.18
CA GLN A 408 -29.12 24.79 -0.27
C GLN A 408 -29.82 24.56 1.08
N MET A 409 -30.37 25.63 1.65
CA MET A 409 -31.06 25.57 2.93
C MET A 409 -32.39 24.81 2.82
N ARG A 410 -33.08 24.95 1.69
CA ARG A 410 -34.26 24.13 1.44
C ARG A 410 -33.95 22.63 1.41
N VAL A 411 -32.84 22.22 0.79
CA VAL A 411 -32.48 20.81 0.74
C VAL A 411 -32.09 20.38 2.15
N TYR A 412 -31.40 21.27 2.86
CA TYR A 412 -31.06 21.01 4.25
C TYR A 412 -32.34 20.70 5.07
N HIS A 413 -33.40 21.47 4.89
CA HIS A 413 -34.63 21.24 5.65
C HIS A 413 -35.26 19.92 5.27
N LEU A 414 -35.21 19.57 3.99
CA LEU A 414 -35.72 18.30 3.49
C LEU A 414 -34.98 17.14 4.13
N GLU A 415 -33.65 17.21 4.08
CA GLU A 415 -32.77 16.22 4.70
C GLU A 415 -33.14 15.99 6.15
N ASN A 416 -33.17 17.08 6.90
CA ASN A 416 -33.53 17.02 8.31
C ASN A 416 -34.93 16.43 8.51
N ALA A 417 -35.88 16.77 7.65
CA ALA A 417 -37.23 16.24 7.79
C ALA A 417 -37.20 14.71 7.59
N ILE A 418 -36.53 14.26 6.51
CA ILE A 418 -36.39 12.84 6.24
C ILE A 418 -35.67 12.06 7.34
N ARG A 419 -34.56 12.61 7.83
CA ARG A 419 -33.79 12.02 8.93
C ARG A 419 -34.69 11.71 10.12
N LYS A 420 -35.49 12.70 10.53
CA LYS A 420 -36.36 12.52 11.68
C LYS A 420 -37.35 11.37 11.54
N GLU A 421 -37.65 10.97 10.32
CA GLU A 421 -38.71 9.99 10.10
C GLU A 421 -38.23 8.55 9.81
N ILE A 422 -37.03 8.39 9.26
CA ILE A 422 -36.53 7.05 8.98
C ILE A 422 -35.25 6.69 9.73
N ARG A 423 -35.25 5.51 10.32
CA ARG A 423 -34.16 5.05 11.17
C ARG A 423 -33.03 4.42 10.37
N SER A 424 -32.32 5.24 9.61
CA SER A 424 -31.16 4.79 8.85
C SER A 424 -30.22 5.95 8.53
N GLU A 425 -29.33 6.26 9.48
CA GLU A 425 -28.37 7.34 9.30
C GLU A 425 -27.19 6.90 8.44
N GLU A 426 -27.41 5.83 7.68
CA GLU A 426 -26.43 5.31 6.74
C GLU A 426 -26.36 6.22 5.52
N LYS A 427 -27.46 6.91 5.23
CA LYS A 427 -27.41 8.05 4.33
C LYS A 427 -26.41 9.00 4.94
N PHE A 428 -25.54 9.59 4.13
CA PHE A 428 -24.76 10.68 4.71
C PHE A 428 -24.81 12.06 4.07
N TYR A 429 -24.50 13.03 4.91
CA TYR A 429 -24.88 14.41 4.68
C TYR A 429 -23.65 15.25 4.58
N PHE A 430 -23.81 16.50 4.15
CA PHE A 430 -22.68 17.33 3.85
C PHE A 430 -21.85 17.48 5.11
N PRO A 431 -20.59 17.03 5.06
CA PRO A 431 -19.66 17.09 6.20
C PRO A 431 -19.50 18.51 6.71
N ASN A 432 -19.67 18.71 8.01
CA ASN A 432 -19.47 20.01 8.65
C ASN A 432 -20.31 21.13 8.03
N PHE A 433 -21.50 20.80 7.57
CA PHE A 433 -22.37 21.78 6.92
C PHE A 433 -22.50 23.04 7.75
N GLU A 434 -22.94 22.89 9.00
CA GLU A 434 -23.21 24.06 9.82
C GLU A 434 -21.93 24.82 10.12
N LEU A 435 -20.92 24.11 10.58
CA LEU A 435 -19.61 24.71 10.87
C LEU A 435 -19.13 25.61 9.73
N LEU A 436 -19.22 25.09 8.51
CA LEU A 436 -18.78 25.81 7.33
C LEU A 436 -19.48 27.15 7.24
N HIS A 437 -20.77 27.17 7.58
CA HIS A 437 -21.52 28.41 7.52
C HIS A 437 -21.10 29.40 8.61
N TRP A 438 -20.86 28.92 9.83
CA TRP A 438 -20.35 29.80 10.89
C TRP A 438 -19.05 30.47 10.48
N MET A 439 -18.17 29.68 9.85
CA MET A 439 -16.92 30.19 9.35
C MET A 439 -17.08 31.14 8.17
N TYR A 440 -18.05 30.90 7.30
CA TYR A 440 -18.20 31.76 6.12
C TYR A 440 -18.82 33.08 6.55
N MET A 441 -19.81 33.01 7.44
CA MET A 441 -20.42 34.23 7.97
C MET A 441 -19.35 35.06 8.65
N ARG A 442 -18.60 34.45 9.55
CA ARG A 442 -17.61 35.15 10.36
C ARG A 442 -16.41 35.66 9.56
N ASN A 443 -15.75 34.77 8.81
CA ASN A 443 -14.54 35.14 8.10
C ASN A 443 -14.77 35.96 6.83
N VAL A 444 -15.91 35.76 6.18
CA VAL A 444 -16.13 36.36 4.87
C VAL A 444 -17.22 37.43 4.89
N LEU A 445 -18.45 37.04 5.26
CA LEU A 445 -19.58 37.94 5.17
C LEU A 445 -19.55 39.06 6.22
N LEU A 446 -19.33 38.72 7.49
CA LEU A 446 -19.24 39.70 8.57
C LEU A 446 -18.16 40.72 8.26
N GLU A 447 -17.00 40.22 7.81
CA GLU A 447 -15.90 41.07 7.39
C GLU A 447 -16.32 42.11 6.36
N LYS A 448 -17.01 41.68 5.32
CA LYS A 448 -17.48 42.58 4.26
C LYS A 448 -18.47 43.64 4.74
N ILE A 449 -19.42 43.23 5.56
CA ILE A 449 -20.41 44.17 6.07
C ILE A 449 -19.74 45.22 6.97
N THR A 450 -18.86 44.73 7.86
CA THR A 450 -18.09 45.60 8.76
C THR A 450 -17.29 46.65 7.99
N GLU A 451 -16.55 46.21 6.98
CA GLU A 451 -15.77 47.14 6.15
C GLU A 451 -16.65 48.17 5.45
N ALA A 452 -17.82 47.75 4.98
CA ALA A 452 -18.72 48.68 4.33
C ALA A 452 -19.25 49.68 5.34
N ASN A 453 -19.56 49.20 6.53
CA ASN A 453 -20.00 50.07 7.62
C ASN A 453 -18.97 51.12 8.05
N GLN A 454 -17.71 50.73 8.15
CA GLN A 454 -16.65 51.67 8.48
C GLN A 454 -16.45 52.72 7.37
N GLU A 455 -16.79 52.35 6.15
CA GLU A 455 -16.62 53.26 5.02
C GLU A 455 -17.89 54.07 4.79
N GLY A 456 -18.92 53.83 5.61
CA GLY A 456 -20.21 54.47 5.45
C GLY A 456 -20.86 54.12 4.11
N SER A 457 -20.55 52.93 3.57
CA SER A 457 -21.04 52.49 2.28
C SER A 457 -22.40 51.81 2.30
N ASP A 458 -23.23 52.12 1.31
CA ASP A 458 -24.48 51.41 1.10
C ASP A 458 -24.14 50.21 0.22
N MET A 459 -24.27 49.03 0.80
CA MET A 459 -23.84 47.79 0.12
C MET A 459 -24.61 47.45 -1.15
N ARG A 460 -25.84 47.96 -1.29
CA ARG A 460 -26.60 47.59 -2.47
C ARG A 460 -25.97 48.15 -3.74
N GLU A 461 -25.10 49.14 -3.61
CA GLU A 461 -24.46 49.77 -4.77
C GLU A 461 -23.49 48.85 -5.53
N GLN A 462 -22.55 48.24 -4.82
CA GLN A 462 -21.50 47.45 -5.45
C GLN A 462 -21.41 46.04 -4.91
N GLU A 463 -22.13 45.77 -3.82
CA GLU A 463 -22.04 44.47 -3.17
C GLU A 463 -23.40 43.87 -2.82
N LYS A 464 -24.40 44.08 -3.68
CA LYS A 464 -25.76 43.73 -3.30
C LYS A 464 -25.87 42.23 -2.99
N ASN A 465 -25.20 41.42 -3.79
CA ASN A 465 -25.25 39.96 -3.65
C ASN A 465 -24.70 39.50 -2.31
N ILE A 466 -23.65 40.18 -1.85
CA ILE A 466 -23.07 39.89 -0.55
C ILE A 466 -24.08 40.19 0.53
N TRP A 467 -24.74 41.34 0.39
CA TRP A 467 -25.70 41.83 1.39
C TRP A 467 -26.92 40.93 1.46
N THR A 468 -27.44 40.49 0.31
CA THR A 468 -28.63 39.62 0.30
C THR A 468 -28.29 38.20 0.78
N ALA A 469 -27.11 37.72 0.43
CA ALA A 469 -26.69 36.41 0.94
C ALA A 469 -26.56 36.44 2.48
N SER A 470 -26.05 37.54 3.02
CA SER A 470 -25.87 37.65 4.47
C SER A 470 -27.19 37.54 5.20
N GLN A 471 -28.18 38.28 4.72
CA GLN A 471 -29.51 38.24 5.32
C GLN A 471 -30.08 36.83 5.29
N ILE A 472 -29.96 36.18 4.15
CA ILE A 472 -30.47 34.82 4.00
C ILE A 472 -29.73 33.85 4.90
N MET A 473 -28.40 33.92 4.90
CA MET A 473 -27.62 33.05 5.75
C MET A 473 -27.94 33.31 7.22
N LYS A 474 -28.02 34.58 7.60
CA LYS A 474 -28.26 34.92 9.00
C LYS A 474 -29.58 34.35 9.51
N ALA A 475 -30.64 34.46 8.72
CA ALA A 475 -31.95 33.97 9.13
C ALA A 475 -31.95 32.47 9.35
N GLU A 476 -31.20 31.72 8.54
CA GLU A 476 -31.07 30.29 8.80
C GLU A 476 -30.26 30.07 10.07
N MET A 477 -29.25 30.90 10.30
CA MET A 477 -28.40 30.70 11.48
C MET A 477 -29.06 31.10 12.80
N GLU A 478 -30.03 32.01 12.75
CA GLU A 478 -30.78 32.37 13.94
C GLU A 478 -31.56 31.14 14.38
N ARG A 479 -32.12 30.44 13.39
CA ARG A 479 -32.83 29.21 13.64
C ARG A 479 -31.93 28.12 14.23
N TRP A 480 -30.69 28.00 13.77
CA TRP A 480 -29.78 27.01 14.34
C TRP A 480 -29.48 27.36 15.80
N MET A 481 -29.21 28.64 16.03
CA MET A 481 -28.88 29.16 17.36
C MET A 481 -29.98 28.87 18.36
N ASP A 482 -31.21 29.22 18.00
CA ASP A 482 -32.33 28.98 18.88
C ASP A 482 -32.42 27.51 19.25
N ARG A 483 -32.48 26.66 18.23
CA ARG A 483 -32.49 25.21 18.41
C ARG A 483 -31.44 24.78 19.44
N GLU A 484 -30.22 25.28 19.28
CA GLU A 484 -29.11 24.88 20.15
C GLU A 484 -29.18 25.46 21.56
N LEU A 485 -29.77 26.64 21.70
CA LEU A 485 -29.96 27.22 23.02
C LEU A 485 -31.11 26.51 23.71
N ARG A 486 -31.97 25.87 22.92
CA ARG A 486 -33.11 25.14 23.43
C ARG A 486 -32.78 23.69 23.76
N LEU A 487 -31.82 23.10 23.03
CA LEU A 487 -31.61 21.66 23.12
C LEU A 487 -30.16 21.25 23.33
N GLY A 488 -29.25 22.21 23.38
CA GLY A 488 -27.84 21.91 23.50
C GLY A 488 -27.19 21.66 22.15
N PRO A 489 -25.85 21.56 22.12
CA PRO A 489 -25.10 21.31 20.88
C PRO A 489 -25.54 20.03 20.17
N GLU A 490 -25.11 19.88 18.92
CA GLU A 490 -25.35 18.67 18.16
C GLU A 490 -24.33 17.64 18.59
N LYS A 491 -24.54 16.38 18.21
CA LYS A 491 -23.54 15.35 18.48
C LYS A 491 -22.21 15.79 17.87
N ASN A 492 -22.27 16.18 16.61
CA ASN A 492 -21.08 16.65 15.89
C ASN A 492 -21.00 18.17 15.78
N ALA A 493 -20.63 18.82 16.89
CA ALA A 493 -20.48 20.27 16.92
C ALA A 493 -19.06 20.67 17.33
N ILE A 494 -18.35 21.32 16.42
CA ILE A 494 -16.99 21.77 16.70
C ILE A 494 -16.99 23.11 17.42
N LEU A 495 -17.74 24.08 16.88
CA LEU A 495 -17.85 25.41 17.48
C LEU A 495 -18.65 25.39 18.77
N PRO A 496 -18.05 25.91 19.85
CA PRO A 496 -18.75 26.00 21.15
C PRO A 496 -19.94 26.94 21.07
N THR A 497 -21.01 26.59 21.78
CA THR A 497 -22.22 27.40 21.81
C THR A 497 -21.91 28.87 22.00
N ASP A 498 -20.94 29.16 22.87
CA ASP A 498 -20.65 30.54 23.22
C ASP A 498 -20.03 31.30 22.07
N ASP A 499 -19.16 30.63 21.30
CA ASP A 499 -18.54 31.24 20.13
C ASP A 499 -19.57 31.54 19.05
N LYS A 500 -20.52 30.63 18.89
CA LYS A 500 -21.64 30.87 18.00
C LYS A 500 -22.38 32.13 18.42
N ASN A 501 -22.68 32.27 19.71
CA ASN A 501 -23.43 33.43 20.16
C ASN A 501 -22.71 34.76 19.93
N LYS A 502 -21.39 34.77 20.12
CA LYS A 502 -20.61 35.98 19.86
C LYS A 502 -20.70 36.39 18.39
N ILE A 503 -20.60 35.41 17.50
CA ILE A 503 -20.72 35.71 16.07
C ILE A 503 -22.09 36.29 15.77
N MET A 504 -23.14 35.67 16.31
CA MET A 504 -24.51 36.12 16.04
C MET A 504 -24.75 37.51 16.61
N ILE A 505 -24.16 37.80 17.76
CA ILE A 505 -24.33 39.11 18.38
C ILE A 505 -23.72 40.14 17.45
N SER A 506 -22.51 39.86 17.00
CA SER A 506 -21.79 40.76 16.10
C SER A 506 -22.48 40.92 14.73
N VAL A 507 -22.97 39.82 14.17
CA VAL A 507 -23.72 39.89 12.91
C VAL A 507 -24.94 40.78 13.05
N ARG A 508 -25.72 40.57 14.11
CA ARG A 508 -26.94 41.34 14.32
C ARG A 508 -26.63 42.83 14.29
N LYS A 509 -25.54 43.18 14.98
CA LYS A 509 -25.14 44.56 15.14
C LYS A 509 -24.70 45.19 13.83
N GLN A 510 -23.90 44.48 13.05
CA GLN A 510 -23.45 45.10 11.81
C GLN A 510 -24.58 45.16 10.78
N ILE A 511 -25.51 44.21 10.85
CA ILE A 511 -26.67 44.24 9.97
C ILE A 511 -27.49 45.48 10.27
N GLU A 512 -27.66 45.75 11.56
CA GLU A 512 -28.46 46.90 12.00
C GLU A 512 -27.80 48.21 11.60
N ILE A 513 -26.49 48.27 11.74
CA ILE A 513 -25.74 49.45 11.31
C ILE A 513 -25.82 49.67 9.79
N GLN A 514 -25.68 48.60 9.01
CA GLN A 514 -25.76 48.74 7.55
C GLN A 514 -27.18 49.16 7.15
N THR A 515 -28.17 48.62 7.85
CA THR A 515 -29.56 48.99 7.58
C THR A 515 -29.82 50.48 7.81
N LYS A 516 -29.22 51.03 8.85
CA LYS A 516 -29.35 52.46 9.13
C LYS A 516 -28.64 53.30 8.08
N ILE A 517 -27.44 52.87 7.68
CA ILE A 517 -26.76 53.53 6.57
C ILE A 517 -27.64 53.57 5.32
N GLN A 518 -28.32 52.46 5.03
CA GLN A 518 -29.16 52.41 3.83
C GLN A 518 -30.36 53.33 3.95
N ASN A 519 -30.94 53.39 5.15
CA ASN A 519 -32.07 54.28 5.39
C ASN A 519 -31.69 55.76 5.45
N ALA A 520 -30.45 56.06 5.80
CA ALA A 520 -30.04 57.45 5.96
C ALA A 520 -30.10 58.22 4.65
N LYS A 521 -30.43 57.51 3.57
CA LYS A 521 -30.62 58.16 2.28
C LYS A 521 -32.08 58.54 2.08
N ASN A 522 -32.91 58.24 3.08
CA ASN A 522 -34.34 58.48 3.00
C ASN A 522 -34.69 59.93 3.35
N LYS A 523 -35.60 60.51 2.58
CA LYS A 523 -36.07 61.87 2.84
C LYS A 523 -37.56 61.99 2.59
N PRO B 9 12.29 1.77 -31.89
CA PRO B 9 11.65 2.77 -31.04
C PRO B 9 12.32 4.14 -31.16
N LYS B 10 12.46 4.65 -32.39
CA LYS B 10 13.31 5.81 -32.64
C LYS B 10 12.84 7.10 -31.97
N GLU B 11 13.77 8.04 -31.83
CA GLU B 11 13.64 9.28 -31.07
C GLU B 11 12.27 9.98 -31.05
N SER B 12 11.42 9.74 -32.05
CA SER B 12 10.17 10.46 -32.21
C SER B 12 9.04 9.96 -31.32
N ASP B 13 9.14 8.75 -30.79
CA ASP B 13 7.98 8.17 -30.10
C ASP B 13 7.95 8.38 -28.58
N ARG B 14 6.78 8.78 -28.10
CA ARG B 14 6.56 9.10 -26.70
C ARG B 14 6.35 7.79 -25.96
N CYS B 15 6.90 7.70 -24.75
CA CYS B 15 6.49 6.62 -23.86
C CYS B 15 5.05 6.91 -23.50
N GLY B 16 4.18 5.93 -23.68
CA GLY B 16 2.76 6.14 -23.42
C GLY B 16 2.43 6.27 -21.94
N GLY B 17 3.44 6.13 -21.10
CA GLY B 17 3.24 6.20 -19.67
C GLY B 17 3.71 7.52 -19.09
N CYS B 18 4.93 7.92 -19.42
CA CYS B 18 5.50 9.14 -18.83
C CYS B 18 5.42 10.37 -19.75
N GLY B 19 5.25 10.12 -21.05
CA GLY B 19 5.15 11.20 -22.01
C GLY B 19 6.53 11.64 -22.49
N LYS B 20 7.57 11.13 -21.84
CA LYS B 20 8.94 11.46 -22.23
C LYS B 20 9.42 10.64 -23.41
N PHE B 21 10.49 11.09 -24.04
CA PHE B 21 11.01 10.49 -25.25
C PHE B 21 12.33 9.79 -24.98
N THR B 22 12.89 9.19 -26.02
CA THR B 22 14.17 8.50 -25.95
C THR B 22 15.19 9.28 -25.14
N ASN B 54 17.80 -1.41 -17.68
CA ASN B 54 16.69 -2.26 -18.13
C ASN B 54 15.36 -1.55 -17.88
N ASP B 55 15.23 -0.95 -16.69
CA ASP B 55 14.08 -0.12 -16.34
C ASP B 55 13.74 0.88 -17.44
N PHE B 56 14.78 1.41 -18.08
CA PHE B 56 14.59 2.53 -19.00
C PHE B 56 14.86 2.13 -20.44
N GLN B 57 14.94 0.82 -20.64
CA GLN B 57 14.90 0.29 -21.99
C GLN B 57 13.43 0.14 -22.41
N TRP B 58 13.20 -0.26 -23.66
CA TRP B 58 11.89 -0.10 -24.27
C TRP B 58 11.15 -1.38 -24.63
N ILE B 59 9.83 -1.32 -24.53
CA ILE B 59 8.96 -2.41 -24.91
C ILE B 59 7.76 -1.82 -25.63
N GLY B 60 7.37 -2.42 -26.75
CA GLY B 60 6.27 -1.93 -27.55
C GLY B 60 5.05 -2.83 -27.49
N CYS B 61 3.88 -2.22 -27.40
CA CYS B 61 2.65 -2.98 -27.42
C CYS B 61 2.39 -3.50 -28.83
N ASP B 62 2.12 -4.80 -28.93
CA ASP B 62 1.94 -5.46 -30.21
C ASP B 62 0.60 -5.11 -30.85
N SER B 63 -0.29 -4.51 -30.08
CA SER B 63 -1.62 -4.15 -30.56
C SER B 63 -1.71 -2.67 -30.92
N CYS B 64 -1.75 -1.79 -29.92
CA CYS B 64 -1.90 -0.35 -30.16
C CYS B 64 -0.60 0.28 -30.70
N GLN B 65 0.46 -0.52 -30.74
CA GLN B 65 1.78 -0.11 -31.24
C GLN B 65 2.52 0.93 -30.39
N THR B 66 1.95 1.39 -29.28
CA THR B 66 2.68 2.43 -28.52
C THR B 66 3.89 1.86 -27.76
N TRP B 67 4.91 2.67 -27.65
CA TRP B 67 6.12 2.26 -26.96
C TRP B 67 6.09 2.69 -25.50
N TYR B 68 6.68 1.86 -24.63
CA TYR B 68 6.81 2.18 -23.23
C TYR B 68 8.22 1.97 -22.72
N HIS B 69 8.65 2.79 -21.76
CA HIS B 69 9.79 2.45 -20.92
C HIS B 69 9.35 1.22 -20.13
N PHE B 70 10.24 0.24 -19.98
CA PHE B 70 9.87 -0.92 -19.17
C PHE B 70 9.22 -0.50 -17.85
N LEU B 71 9.78 0.53 -17.23
CA LEU B 71 9.30 1.01 -15.93
C LEU B 71 7.93 1.68 -16.04
N CYS B 72 7.52 2.03 -17.25
CA CYS B 72 6.26 2.75 -17.48
C CYS B 72 5.17 1.83 -18.01
N SER B 73 5.57 0.64 -18.44
CA SER B 73 4.71 -0.28 -19.16
C SER B 73 3.66 -0.97 -18.29
N GLY B 74 3.84 -0.90 -16.97
CA GLY B 74 2.99 -1.63 -16.04
C GLY B 74 3.53 -3.00 -15.66
N LEU B 75 4.56 -3.45 -16.35
CA LEU B 75 5.26 -4.67 -15.97
C LEU B 75 6.02 -4.45 -14.67
N GLU B 76 6.10 -5.49 -13.85
CA GLU B 76 7.03 -5.48 -12.71
C GLU B 76 8.36 -6.00 -13.22
N GLN B 77 9.45 -5.68 -12.52
CA GLN B 77 10.77 -5.97 -13.05
C GLN B 77 10.97 -7.42 -13.45
N PHE B 78 10.43 -8.36 -12.67
CA PHE B 78 10.59 -9.79 -12.96
C PHE B 78 9.91 -10.23 -14.26
N GLU B 79 9.05 -9.38 -14.79
CA GLU B 79 8.30 -9.66 -16.01
C GLU B 79 8.97 -9.08 -17.26
N TYR B 80 9.90 -8.16 -17.10
CA TYR B 80 10.47 -7.48 -18.27
C TYR B 80 10.87 -8.45 -19.39
N TYR B 81 11.53 -9.55 -19.04
CA TYR B 81 12.10 -10.44 -20.04
C TYR B 81 11.19 -11.59 -20.45
N LEU B 82 10.01 -11.67 -19.82
CA LEU B 82 9.17 -12.84 -19.97
C LEU B 82 8.34 -12.87 -21.27
N TYR B 83 7.92 -11.71 -21.76
CA TYR B 83 6.89 -11.69 -22.79
C TYR B 83 7.44 -11.44 -24.18
N GLU B 84 7.12 -12.35 -25.09
CA GLU B 84 7.51 -12.25 -26.50
C GLU B 84 6.56 -11.34 -27.26
N LYS B 85 5.27 -11.45 -26.92
CA LYS B 85 4.27 -10.52 -27.41
C LYS B 85 3.66 -9.77 -26.23
N PHE B 86 3.93 -8.48 -26.17
CA PHE B 86 3.45 -7.66 -25.08
C PHE B 86 2.21 -6.89 -25.49
N PHE B 87 1.19 -6.92 -24.63
CA PHE B 87 -0.01 -6.08 -24.80
C PHE B 87 -0.09 -5.14 -23.62
N CYS B 88 -0.10 -3.85 -23.89
CA CYS B 88 -0.06 -2.88 -22.82
C CYS B 88 -1.37 -2.93 -22.01
N PRO B 89 -1.41 -2.25 -20.86
CA PRO B 89 -2.61 -2.26 -20.01
C PRO B 89 -3.84 -1.67 -20.71
N LYS B 90 -3.61 -0.75 -21.65
CA LYS B 90 -4.72 -0.16 -22.41
C LYS B 90 -5.36 -1.21 -23.34
N CYS B 91 -4.65 -2.29 -23.62
CA CYS B 91 -5.10 -3.20 -24.65
C CYS B 91 -5.59 -4.55 -24.16
N VAL B 92 -5.08 -5.00 -23.03
CA VAL B 92 -5.41 -6.33 -22.51
C VAL B 92 -6.91 -6.65 -22.49
N PRO B 93 -7.76 -5.64 -22.20
CA PRO B 93 -9.20 -5.92 -22.20
C PRO B 93 -9.70 -6.55 -23.50
N HIS B 94 -9.15 -6.15 -24.65
CA HIS B 94 -9.53 -6.84 -25.88
C HIS B 94 -8.51 -7.83 -26.44
N THR B 95 -7.22 -7.64 -26.13
CA THR B 95 -6.21 -8.54 -26.67
C THR B 95 -6.05 -9.81 -25.86
N GLY B 96 -6.34 -9.72 -24.57
CA GLY B 96 -5.98 -10.78 -23.66
C GLY B 96 -4.55 -10.55 -23.22
N HIS B 97 -4.01 -11.46 -22.41
CA HIS B 97 -2.73 -11.25 -21.77
C HIS B 97 -1.54 -11.39 -22.71
N SER B 98 -0.45 -10.74 -22.35
CA SER B 98 0.80 -10.90 -23.08
C SER B 98 1.12 -12.37 -23.21
N ILE B 99 1.79 -12.72 -24.30
CA ILE B 99 2.15 -14.11 -24.56
C ILE B 99 3.62 -14.30 -24.17
N ARG B 100 3.93 -15.30 -23.35
CA ARG B 100 5.33 -15.48 -22.94
C ARG B 100 6.18 -16.29 -23.93
N TYR B 101 7.50 -16.07 -23.88
CA TYR B 101 8.41 -16.86 -24.69
C TYR B 101 8.18 -18.33 -24.40
N LYS B 102 8.28 -19.17 -25.41
CA LYS B 102 8.18 -20.60 -25.17
C LYS B 102 9.43 -21.05 -24.44
N VAL B 103 9.31 -22.10 -23.64
CA VAL B 103 10.46 -22.66 -22.97
C VAL B 103 11.19 -23.61 -23.90
N VAL B 104 12.32 -23.16 -24.44
CA VAL B 104 13.03 -23.87 -25.49
C VAL B 104 14.29 -24.58 -24.95
N ALA B 105 14.89 -24.04 -23.90
CA ALA B 105 16.09 -24.65 -23.33
C ALA B 105 16.02 -24.63 -21.80
N PRO B 106 15.31 -25.59 -21.21
CA PRO B 106 15.06 -25.68 -19.76
C PRO B 106 16.34 -25.94 -18.97
N HIS B 107 17.44 -26.18 -19.66
CA HIS B 107 18.71 -26.43 -18.98
C HIS B 107 19.60 -25.22 -18.99
N ARG B 108 19.06 -24.08 -19.43
CA ARG B 108 19.84 -22.86 -19.51
C ARG B 108 19.15 -21.72 -18.78
N TYR B 109 19.93 -20.78 -18.24
CA TYR B 109 19.34 -19.60 -17.61
C TYR B 109 18.54 -18.82 -18.63
N ARG B 110 19.07 -18.73 -19.85
CA ARG B 110 18.35 -18.14 -20.98
C ARG B 110 17.46 -19.20 -21.63
N TRP B 111 16.43 -19.61 -20.91
CA TRP B 111 15.60 -20.74 -21.27
C TRP B 111 14.73 -20.45 -22.48
N TYR B 112 14.70 -19.18 -22.88
CA TYR B 112 13.87 -18.74 -23.99
C TYR B 112 14.64 -18.74 -25.32
N SER B 113 15.94 -19.01 -25.27
CA SER B 113 16.80 -18.87 -26.45
C SER B 113 17.04 -20.18 -27.20
N PRO B 114 16.54 -20.27 -28.45
CA PRO B 114 16.85 -21.43 -29.30
C PRO B 114 18.35 -21.54 -29.56
N ASN B 115 19.06 -20.42 -29.52
CA ASN B 115 20.51 -20.40 -29.72
C ASN B 115 21.32 -21.15 -28.65
N GLU B 116 20.69 -21.53 -27.56
CA GLU B 116 21.41 -22.18 -26.45
C GLU B 116 20.93 -23.61 -26.18
N LYS B 117 20.01 -24.12 -27.00
CA LYS B 117 19.48 -25.47 -26.82
C LYS B 117 20.58 -26.52 -26.76
N HIS B 118 21.65 -26.30 -27.50
CA HIS B 118 22.70 -27.31 -27.65
C HIS B 118 23.76 -27.23 -26.54
N LEU B 119 23.77 -26.10 -25.82
CA LEU B 119 24.76 -25.85 -24.79
C LEU B 119 24.54 -26.70 -23.54
N GLY B 120 25.47 -26.58 -22.59
CA GLY B 120 25.47 -27.42 -21.41
C GLY B 120 24.40 -27.10 -20.36
N ILE B 121 24.10 -28.10 -19.53
CA ILE B 121 23.17 -27.92 -18.43
C ILE B 121 23.77 -27.04 -17.34
N GLU B 122 23.10 -25.93 -17.06
CA GLU B 122 23.60 -24.93 -16.11
C GLU B 122 23.06 -25.16 -14.68
N VAL B 123 23.93 -25.00 -13.69
CA VAL B 123 23.55 -25.21 -12.29
C VAL B 123 22.46 -24.23 -11.89
N GLY B 124 21.36 -24.76 -11.37
CA GLY B 124 20.26 -23.93 -10.92
C GLY B 124 19.17 -23.83 -11.97
N SER B 125 19.43 -24.34 -13.16
CA SER B 125 18.40 -24.35 -14.20
C SER B 125 17.36 -25.40 -13.87
N LYS B 126 16.17 -25.26 -14.44
CA LYS B 126 15.08 -26.20 -14.21
C LYS B 126 15.52 -27.65 -14.42
N THR B 127 16.19 -27.93 -15.53
CA THR B 127 16.70 -29.26 -15.80
C THR B 127 17.69 -29.72 -14.73
N TRP B 128 18.67 -28.89 -14.42
CA TRP B 128 19.65 -29.24 -13.37
C TRP B 128 18.99 -29.55 -12.03
N ILE B 129 18.06 -28.71 -11.59
CA ILE B 129 17.43 -28.87 -10.28
C ILE B 129 16.65 -30.17 -10.17
N GLU B 130 15.82 -30.46 -11.16
CA GLU B 130 15.03 -31.68 -11.15
C GLU B 130 15.89 -32.95 -11.18
N ASP B 131 17.10 -32.87 -11.72
CA ASP B 131 18.00 -34.00 -11.61
C ASP B 131 18.77 -34.00 -10.27
N PHE B 132 19.14 -32.83 -9.78
CA PHE B 132 19.78 -32.69 -8.48
C PHE B 132 18.92 -33.33 -7.39
N ILE B 133 17.64 -33.01 -7.41
CA ILE B 133 16.69 -33.54 -6.45
C ILE B 133 16.69 -35.08 -6.33
N THR B 134 17.11 -35.77 -7.39
CA THR B 134 17.11 -37.23 -7.39
C THR B 134 18.36 -37.84 -6.77
N ARG B 135 19.42 -37.03 -6.63
CA ARG B 135 20.68 -37.56 -6.13
C ARG B 135 21.29 -36.72 -5.00
N GLU B 136 20.57 -35.71 -4.52
CA GLU B 136 21.15 -34.78 -3.56
C GLU B 136 21.32 -35.46 -2.19
N ASN B 137 20.46 -36.42 -1.92
CA ASN B 137 20.47 -37.11 -0.64
C ASN B 137 21.64 -38.08 -0.52
N THR B 138 22.55 -38.07 -1.48
CA THR B 138 23.74 -38.90 -1.39
C THR B 138 24.98 -38.07 -1.09
N VAL B 139 24.78 -36.78 -0.80
CA VAL B 139 25.84 -35.96 -0.25
C VAL B 139 26.01 -36.37 1.21
N PRO B 140 27.24 -36.68 1.62
CA PRO B 140 27.49 -37.21 2.97
C PRO B 140 26.97 -36.28 4.07
N SER B 141 26.60 -36.85 5.21
CA SER B 141 26.26 -36.05 6.39
C SER B 141 27.55 -35.53 7.01
N PRO B 142 27.46 -34.45 7.81
CA PRO B 142 28.66 -33.81 8.35
C PRO B 142 29.21 -34.56 9.57
N THR B 143 30.48 -34.34 9.90
CA THR B 143 31.04 -34.94 11.10
C THR B 143 30.59 -34.18 12.34
N ASP B 144 30.89 -34.74 13.50
CA ASP B 144 30.50 -34.14 14.77
C ASP B 144 31.31 -32.88 15.05
N ASP B 145 32.49 -32.80 14.49
CA ASP B 145 33.30 -31.60 14.56
C ASP B 145 32.69 -30.45 13.76
N GLU B 146 31.93 -30.82 12.72
CA GLU B 146 31.35 -29.85 11.79
C GLU B 146 29.98 -29.37 12.24
N VAL B 147 29.13 -30.28 12.68
CA VAL B 147 27.78 -29.93 13.05
C VAL B 147 27.35 -30.60 14.34
N CYS B 148 26.56 -29.89 15.13
CA CYS B 148 26.07 -30.44 16.38
C CYS B 148 24.56 -30.28 16.39
N ILE B 149 23.87 -31.40 16.45
CA ILE B 149 22.41 -31.39 16.48
C ILE B 149 21.97 -31.62 17.91
N VAL B 150 21.25 -30.66 18.48
CA VAL B 150 20.78 -30.78 19.85
C VAL B 150 19.27 -30.80 19.86
N GLU B 151 18.70 -31.34 20.94
CA GLU B 151 17.26 -31.50 21.07
C GLU B 151 16.51 -30.20 21.27
N ASP B 152 17.08 -29.27 22.02
CA ASP B 152 16.41 -27.99 22.28
C ASP B 152 17.39 -26.89 22.64
N GLY B 153 16.87 -25.70 22.91
CA GLY B 153 17.69 -24.57 23.31
C GLY B 153 18.57 -24.78 24.53
N TYR B 154 18.07 -25.52 25.52
CA TYR B 154 18.85 -25.81 26.72
C TYR B 154 20.06 -26.69 26.40
N GLU B 155 19.85 -27.74 25.60
CA GLU B 155 20.97 -28.55 25.19
C GLU B 155 21.94 -27.74 24.29
N PHE B 156 21.41 -26.79 23.53
CA PHE B 156 22.26 -25.93 22.73
C PHE B 156 23.19 -25.12 23.62
N ARG B 157 22.62 -24.46 24.63
CA ARG B 157 23.42 -23.63 25.52
C ARG B 157 24.56 -24.41 26.18
N ARG B 158 24.26 -25.59 26.71
CA ARG B 158 25.29 -26.43 27.31
C ARG B 158 26.40 -26.74 26.31
N GLU B 159 26.01 -27.20 25.13
CA GLU B 159 26.99 -27.61 24.13
C GLU B 159 27.80 -26.44 23.59
N PHE B 160 27.12 -25.33 23.33
CA PHE B 160 27.75 -24.07 22.91
C PHE B 160 28.86 -23.73 23.90
N GLU B 161 28.49 -23.69 25.17
CA GLU B 161 29.38 -23.29 26.26
C GLU B 161 30.51 -24.28 26.54
N LYS B 162 30.25 -25.58 26.44
CA LYS B 162 31.32 -26.57 26.52
C LYS B 162 32.38 -26.39 25.45
N LEU B 163 32.00 -25.79 24.32
CA LEU B 163 32.93 -25.58 23.22
C LEU B 163 33.63 -24.22 23.30
N GLY B 164 33.33 -23.45 24.34
CA GLY B 164 33.97 -22.18 24.54
C GLY B 164 33.07 -20.97 24.33
N GLY B 165 31.80 -21.21 24.06
CA GLY B 165 30.88 -20.09 23.89
C GLY B 165 31.08 -19.30 22.60
N ALA B 166 30.55 -18.08 22.60
CA ALA B 166 30.53 -17.26 21.40
C ALA B 166 31.95 -16.90 20.94
N ASP B 167 32.83 -16.64 21.90
CA ASP B 167 34.20 -16.23 21.57
C ASP B 167 34.95 -17.30 20.82
N ASN B 168 34.45 -18.53 20.85
CA ASN B 168 35.13 -19.66 20.22
C ASN B 168 34.18 -20.45 19.31
N TRP B 169 33.10 -19.80 18.87
CA TRP B 169 32.08 -20.45 18.06
C TRP B 169 32.61 -20.82 16.68
N GLY B 170 32.71 -22.12 16.40
CA GLY B 170 33.31 -22.59 15.17
C GLY B 170 32.48 -23.64 14.43
N LYS B 171 31.43 -24.14 15.04
CA LYS B 171 30.66 -25.17 14.36
C LYS B 171 29.19 -24.80 14.13
N VAL B 172 28.53 -25.56 13.28
CA VAL B 172 27.15 -25.28 12.94
C VAL B 172 26.26 -25.98 13.95
N PHE B 173 25.22 -25.30 14.40
CA PHE B 173 24.25 -25.92 15.29
C PHE B 173 22.88 -26.04 14.64
N MET B 174 22.30 -27.23 14.71
CA MET B 174 20.89 -27.37 14.42
C MET B 174 20.15 -27.68 15.72
N VAL B 175 19.17 -26.85 16.05
CA VAL B 175 18.41 -26.99 17.28
C VAL B 175 16.99 -27.49 16.99
N LYS B 176 16.70 -28.74 17.35
CA LYS B 176 15.42 -29.37 17.00
C LYS B 176 14.17 -28.63 17.51
N ASP B 177 14.19 -28.18 18.76
CA ASP B 177 13.06 -27.44 19.30
C ASP B 177 13.55 -26.13 19.90
N MET B 178 12.77 -25.07 19.76
CA MET B 178 13.26 -23.75 20.14
C MET B 178 13.15 -23.39 21.61
N ASP B 179 12.57 -24.28 22.42
CA ASP B 179 12.40 -24.02 23.85
C ASP B 179 13.79 -23.88 24.49
N GLY B 180 14.03 -22.75 25.13
CA GLY B 180 15.30 -22.53 25.79
C GLY B 180 16.26 -21.68 24.95
N LEU B 181 15.88 -21.43 23.68
CA LEU B 181 16.67 -20.59 22.78
C LEU B 181 16.36 -19.13 23.04
N ASN B 182 15.23 -18.87 23.68
CA ASN B 182 14.89 -17.52 24.03
C ASN B 182 14.84 -16.65 22.78
N MET B 183 14.12 -17.16 21.78
CA MET B 183 13.95 -16.55 20.47
C MET B 183 12.47 -16.29 20.14
N THR B 184 12.10 -15.02 20.04
CA THR B 184 10.72 -14.68 19.72
C THR B 184 10.37 -14.98 18.26
N MET B 185 9.58 -16.02 18.04
CA MET B 185 9.04 -16.38 16.73
C MET B 185 7.50 -16.41 16.76
N PRO B 186 6.86 -16.13 15.60
CA PRO B 186 5.39 -16.21 15.51
C PRO B 186 4.88 -17.63 15.76
N LYS B 187 3.65 -17.77 16.27
CA LYS B 187 3.04 -19.10 16.46
C LYS B 187 2.80 -19.79 15.12
N PRO B 188 2.99 -21.13 15.05
CA PRO B 188 2.75 -21.85 13.78
C PRO B 188 1.30 -21.64 13.30
N GLY B 189 1.10 -21.77 11.99
CA GLY B 189 -0.11 -21.28 11.39
C GLY B 189 0.17 -19.95 10.72
N PHE B 190 1.04 -19.15 11.33
CA PHE B 190 1.48 -17.87 10.76
C PHE B 190 2.02 -18.14 9.36
N ASP B 191 1.60 -17.34 8.39
CA ASP B 191 2.11 -17.54 7.02
C ASP B 191 2.16 -16.27 6.19
N LEU B 192 2.34 -16.47 4.89
CA LEU B 192 2.57 -15.38 3.97
C LEU B 192 1.44 -14.34 3.99
N GLU B 193 0.22 -14.81 4.16
CA GLU B 193 -0.93 -13.93 4.17
C GLU B 193 -0.77 -12.86 5.24
N ASP B 194 -0.36 -13.30 6.44
CA ASP B 194 -0.13 -12.37 7.53
C ASP B 194 1.03 -11.43 7.22
N VAL B 195 2.03 -11.93 6.50
CA VAL B 195 3.14 -11.06 6.10
C VAL B 195 2.70 -9.93 5.17
N VAL B 196 1.95 -10.24 4.11
CA VAL B 196 1.50 -9.16 3.24
C VAL B 196 0.49 -8.22 3.94
N LYS B 197 -0.36 -8.78 4.79
CA LYS B 197 -1.27 -7.93 5.57
C LYS B 197 -0.48 -6.86 6.34
N ILE B 198 0.60 -7.28 7.00
CA ILE B 198 1.41 -6.34 7.77
C ILE B 198 2.29 -5.40 6.92
N MET B 199 3.03 -5.94 5.97
CA MET B 199 4.00 -5.13 5.20
C MET B 199 3.33 -4.31 4.10
N GLY B 200 2.18 -4.78 3.61
CA GLY B 200 1.48 -4.09 2.55
C GLY B 200 1.58 -4.83 1.22
N SER B 201 0.52 -4.77 0.43
CA SER B 201 0.46 -5.49 -0.85
C SER B 201 1.49 -5.01 -1.85
N ASP B 202 1.78 -3.71 -1.83
CA ASP B 202 2.69 -3.12 -2.81
C ASP B 202 4.15 -3.15 -2.38
N TYR B 203 4.44 -3.75 -1.23
CA TYR B 203 5.80 -3.79 -0.73
C TYR B 203 6.74 -4.49 -1.73
N GLU B 204 7.81 -3.81 -2.14
CA GLU B 204 8.71 -4.40 -3.13
C GLU B 204 9.72 -5.32 -2.46
N VAL B 205 9.82 -6.54 -2.98
CA VAL B 205 10.78 -7.50 -2.47
C VAL B 205 11.71 -8.00 -3.58
N ASP B 206 13.02 -7.95 -3.34
CA ASP B 206 13.98 -8.50 -4.30
C ASP B 206 13.85 -10.02 -4.31
N THR B 207 13.54 -10.56 -5.47
CA THR B 207 13.14 -11.95 -5.56
C THR B 207 14.00 -12.69 -6.57
N ILE B 208 14.40 -13.90 -6.21
CA ILE B 208 15.19 -14.73 -7.11
C ILE B 208 14.29 -15.50 -8.08
N ASP B 209 14.48 -15.24 -9.36
CA ASP B 209 13.95 -16.08 -10.43
C ASP B 209 14.89 -17.27 -10.51
N VAL B 210 14.48 -18.38 -9.91
CA VAL B 210 15.37 -19.51 -9.69
C VAL B 210 15.95 -20.13 -10.95
N TYR B 211 15.10 -20.41 -11.95
CA TYR B 211 15.58 -21.04 -13.18
C TYR B 211 16.47 -20.09 -13.99
N ASN B 212 16.23 -18.78 -13.84
CA ASN B 212 17.02 -17.76 -14.52
C ASN B 212 18.26 -17.43 -13.68
N GLN B 213 18.29 -17.92 -12.44
CA GLN B 213 19.33 -17.55 -11.47
C GLN B 213 19.65 -16.06 -11.46
N SER B 214 18.60 -15.24 -11.41
CA SER B 214 18.76 -13.80 -11.39
C SER B 214 17.76 -13.22 -10.41
N THR B 215 17.98 -11.96 -10.05
CA THR B 215 17.18 -11.30 -9.02
C THR B 215 16.41 -10.10 -9.56
N TYR B 216 15.11 -10.06 -9.28
CA TYR B 216 14.22 -9.00 -9.76
C TYR B 216 13.24 -8.52 -8.70
N SER B 217 12.89 -7.25 -8.70
CA SER B 217 11.84 -6.84 -7.77
C SER B 217 10.46 -7.37 -8.18
N MET B 218 9.66 -7.70 -7.16
CA MET B 218 8.32 -8.24 -7.32
C MET B 218 7.54 -7.77 -6.10
N LYS B 219 6.30 -7.35 -6.31
CA LYS B 219 5.43 -6.99 -5.21
C LYS B 219 5.11 -8.20 -4.35
N LEU B 220 5.08 -7.97 -3.05
CA LEU B 220 4.73 -9.00 -2.08
C LEU B 220 3.42 -9.74 -2.42
N ASP B 221 2.35 -9.00 -2.70
CA ASP B 221 1.08 -9.65 -3.06
C ASP B 221 1.17 -10.42 -4.39
N THR B 222 1.99 -9.92 -5.33
CA THR B 222 2.27 -10.67 -6.54
C THR B 222 2.96 -12.00 -6.19
N PHE B 223 3.97 -11.94 -5.33
CA PHE B 223 4.62 -13.17 -4.88
C PHE B 223 3.63 -14.10 -4.19
N ARG B 224 2.76 -13.52 -3.39
CA ARG B 224 1.72 -14.30 -2.71
C ARG B 224 0.83 -15.02 -3.74
N LYS B 225 0.36 -14.28 -4.73
CA LYS B 225 -0.44 -14.85 -5.81
C LYS B 225 0.22 -16.04 -6.50
N LEU B 226 1.47 -15.85 -6.94
CA LEU B 226 2.22 -16.93 -7.58
C LEU B 226 2.43 -18.10 -6.63
N PHE B 227 2.68 -17.78 -5.37
CA PHE B 227 2.90 -18.80 -4.34
C PHE B 227 1.67 -19.68 -4.11
N ARG B 228 0.49 -19.07 -4.05
CA ARG B 228 -0.71 -19.85 -3.72
C ARG B 228 -1.21 -20.68 -4.90
N ASP B 229 -0.67 -20.45 -6.09
CA ASP B 229 -1.00 -21.26 -7.26
C ASP B 229 -0.03 -22.42 -7.36
N THR B 230 -0.41 -23.54 -6.77
CA THR B 230 0.48 -24.67 -6.56
C THR B 230 0.62 -25.60 -7.78
N LYS B 231 -0.32 -25.49 -8.72
CA LYS B 231 -0.35 -26.42 -9.86
C LYS B 231 0.35 -25.86 -11.10
N ASN B 232 0.26 -24.54 -11.30
CA ASN B 232 0.92 -23.88 -12.41
C ASN B 232 2.10 -23.05 -11.95
N ARG B 233 3.31 -23.55 -12.18
CA ARG B 233 4.51 -22.80 -11.82
C ARG B 233 5.57 -22.85 -12.91
N PRO B 234 5.36 -22.10 -14.00
CA PRO B 234 6.30 -22.06 -15.11
C PRO B 234 7.69 -21.71 -14.58
N LEU B 235 7.71 -20.77 -13.63
CA LEU B 235 8.95 -20.33 -13.00
C LEU B 235 8.79 -20.46 -11.49
N LEU B 236 9.92 -20.68 -10.81
CA LEU B 236 9.96 -20.74 -9.36
C LEU B 236 10.57 -19.45 -8.86
N TYR B 237 10.01 -18.93 -7.77
CA TYR B 237 10.50 -17.73 -7.12
C TYR B 237 10.80 -17.97 -5.64
N ASN B 238 11.72 -17.18 -5.12
CA ASN B 238 12.30 -17.37 -3.80
C ASN B 238 12.84 -16.03 -3.35
N PHE B 239 12.33 -15.48 -2.27
CA PHE B 239 12.89 -14.23 -1.79
C PHE B 239 13.64 -14.45 -0.48
N LEU B 240 14.78 -13.77 -0.32
CA LEU B 240 15.67 -14.04 0.80
C LEU B 240 15.94 -12.83 1.70
N SER B 241 15.47 -11.66 1.30
CA SER B 241 15.95 -10.39 1.82
C SER B 241 14.85 -9.41 2.16
N LEU B 242 13.70 -9.92 2.57
CA LEU B 242 12.65 -9.06 3.07
C LEU B 242 13.02 -8.63 4.50
N GLU B 243 13.47 -7.40 4.67
CA GLU B 243 14.01 -6.97 5.97
C GLU B 243 13.00 -6.10 6.71
N PHE B 244 12.50 -6.58 7.84
CA PHE B 244 11.35 -5.94 8.48
C PHE B 244 11.64 -5.18 9.78
N SER B 245 12.92 -4.94 10.08
CA SER B 245 13.32 -4.34 11.36
C SER B 245 12.82 -2.90 11.52
N ASP B 246 12.45 -2.27 10.42
CA ASP B 246 11.92 -0.91 10.49
C ASP B 246 10.39 -0.89 10.45
N ASN B 247 9.77 -2.06 10.62
CA ASN B 247 8.32 -2.18 10.72
C ASN B 247 7.92 -2.50 12.15
N ASN B 248 7.20 -1.57 12.78
CA ASN B 248 6.83 -1.67 14.19
C ASN B 248 6.09 -2.96 14.59
N GLU B 249 5.20 -3.43 13.74
CA GLU B 249 4.45 -4.64 14.08
C GLU B 249 5.31 -5.88 13.88
N MET B 250 5.96 -5.98 12.72
CA MET B 250 6.75 -7.17 12.40
C MET B 250 8.00 -7.30 13.25
N LYS B 251 8.65 -6.18 13.57
CA LYS B 251 9.91 -6.26 14.28
C LYS B 251 9.75 -6.92 15.65
N GLU B 252 8.52 -6.95 16.15
CA GLU B 252 8.22 -7.58 17.44
C GLU B 252 7.73 -9.01 17.30
N ILE B 253 7.38 -9.41 16.09
CA ILE B 253 6.88 -10.77 15.83
C ILE B 253 7.97 -11.84 15.78
N ALA B 254 9.13 -11.45 15.23
CA ALA B 254 10.21 -12.38 14.94
C ALA B 254 11.56 -11.74 15.24
N LYS B 255 12.28 -12.29 16.22
CA LYS B 255 13.50 -11.69 16.72
C LYS B 255 14.64 -12.69 16.83
N PRO B 256 15.88 -12.21 16.74
CA PRO B 256 17.02 -13.13 16.87
C PRO B 256 17.01 -13.76 18.27
N PRO B 257 17.58 -14.97 18.43
CA PRO B 257 17.78 -15.46 19.80
C PRO B 257 18.51 -14.41 20.64
N ARG B 258 18.20 -14.37 21.92
CA ARG B 258 18.82 -13.44 22.85
C ARG B 258 20.36 -13.47 22.78
N PHE B 259 20.95 -14.65 22.72
CA PHE B 259 22.41 -14.75 22.68
C PHE B 259 22.96 -14.07 21.42
N VAL B 260 22.20 -14.09 20.31
CA VAL B 260 22.60 -13.36 19.12
C VAL B 260 22.57 -11.87 19.35
N GLN B 261 21.49 -11.39 19.95
CA GLN B 261 21.37 -9.98 20.29
C GLN B 261 22.48 -9.52 21.23
N GLU B 262 22.94 -10.41 22.10
CA GLU B 262 23.97 -10.05 23.08
C GLU B 262 25.35 -9.87 22.44
N ILE B 263 25.59 -10.54 21.31
CA ILE B 263 26.92 -10.48 20.68
C ILE B 263 26.95 -9.74 19.35
N SER B 264 25.78 -9.40 18.81
CA SER B 264 25.73 -8.69 17.54
C SER B 264 26.38 -7.31 17.63
N MET B 265 27.31 -7.03 16.73
CA MET B 265 28.05 -5.77 16.78
C MET B 265 27.15 -4.62 16.34
N VAL B 266 26.26 -4.90 15.40
CA VAL B 266 25.31 -3.88 14.95
C VAL B 266 24.36 -3.49 16.09
N ASN B 267 23.85 -4.49 16.79
CA ASN B 267 22.99 -4.23 17.95
C ASN B 267 23.70 -3.42 19.04
N ARG B 268 25.00 -3.67 19.23
CA ARG B 268 25.80 -2.94 20.21
C ARG B 268 25.94 -1.46 19.87
N LEU B 269 26.03 -1.17 18.57
CA LEU B 269 26.23 0.20 18.09
C LEU B 269 24.93 0.98 17.93
N TRP B 270 23.86 0.30 17.49
CA TRP B 270 22.53 0.88 17.33
C TRP B 270 21.52 0.09 18.18
N PRO B 271 21.52 0.32 19.50
CA PRO B 271 20.64 -0.43 20.40
C PRO B 271 19.15 -0.23 20.07
N ASP B 272 18.31 -1.12 20.56
CA ASP B 272 16.85 -1.04 20.43
C ASP B 272 16.28 0.38 20.41
N VAL B 273 16.11 0.93 19.21
CA VAL B 273 15.45 2.23 18.99
C VAL B 273 15.32 2.53 17.50
N TYR B 287 22.49 7.90 19.47
CA TYR B 287 23.77 8.13 18.82
C TYR B 287 23.91 7.23 17.59
N LEU B 288 24.60 7.73 16.56
CA LEU B 288 24.70 7.05 15.27
C LEU B 288 23.37 7.09 14.50
N PRO B 289 23.40 7.69 13.30
CA PRO B 289 22.20 7.86 12.46
C PRO B 289 21.60 6.50 12.09
N GLU B 290 20.29 6.40 12.23
CA GLU B 290 19.58 5.17 11.87
C GLU B 290 19.79 4.78 10.41
N ASP B 291 19.92 5.78 9.55
CA ASP B 291 20.13 5.51 8.13
C ASP B 291 21.48 4.88 7.85
N GLN B 292 22.38 4.89 8.84
CA GLN B 292 23.70 4.29 8.67
C GLN B 292 23.75 2.86 9.16
N ARG B 293 22.69 2.45 9.87
CA ARG B 293 22.64 1.10 10.43
C ARG B 293 22.56 0.02 9.34
N PRO B 294 23.51 -0.94 9.36
CA PRO B 294 23.38 -2.11 8.49
C PRO B 294 22.09 -2.81 8.90
N LYS B 295 21.22 -3.02 7.94
CA LYS B 295 19.89 -3.53 8.24
C LYS B 295 19.79 -4.96 7.73
N VAL B 296 20.30 -5.92 8.50
CA VAL B 296 20.35 -7.29 7.99
C VAL B 296 20.07 -8.33 9.04
N GLU B 297 19.59 -7.92 10.21
CA GLU B 297 19.43 -8.89 11.29
C GLU B 297 18.02 -9.50 11.36
N GLN B 298 17.05 -8.91 10.67
CA GLN B 298 15.69 -9.45 10.71
C GLN B 298 15.10 -9.64 9.31
N PHE B 299 15.29 -10.83 8.73
CA PHE B 299 14.83 -11.13 7.38
C PHE B 299 13.69 -12.12 7.42
N CYS B 300 12.76 -11.94 6.50
CA CYS B 300 11.75 -12.95 6.22
C CYS B 300 12.06 -13.56 4.86
N LEU B 301 12.02 -14.89 4.78
CA LEU B 301 12.39 -15.59 3.57
C LEU B 301 11.29 -16.58 3.24
N ALA B 302 10.92 -16.62 1.96
CA ALA B 302 9.87 -17.52 1.49
C ALA B 302 10.22 -18.04 0.10
N GLY B 303 10.06 -19.33 -0.11
CA GLY B 303 10.42 -19.90 -1.39
C GLY B 303 9.57 -21.07 -1.82
N MET B 304 9.38 -21.19 -3.12
CA MET B 304 8.62 -22.30 -3.69
C MET B 304 9.43 -23.57 -3.67
N ALA B 305 8.72 -24.70 -3.61
CA ALA B 305 9.35 -26.01 -3.70
C ALA B 305 10.16 -26.10 -4.98
N GLY B 306 11.39 -26.61 -4.89
CA GLY B 306 12.27 -26.72 -6.04
C GLY B 306 13.33 -25.63 -6.05
N SER B 307 13.15 -24.61 -5.21
CA SER B 307 14.05 -23.45 -5.21
C SER B 307 15.48 -23.83 -4.85
N TYR B 308 16.44 -23.24 -5.55
CA TYR B 308 17.86 -23.51 -5.29
C TYR B 308 18.64 -22.21 -5.24
N THR B 309 19.44 -22.07 -4.18
CA THR B 309 20.36 -20.96 -4.01
C THR B 309 21.77 -21.51 -4.02
N ASP B 310 22.61 -21.03 -4.94
CA ASP B 310 23.90 -21.64 -5.20
C ASP B 310 24.90 -21.31 -4.10
N PHE B 311 26.02 -22.03 -4.10
CA PHE B 311 27.04 -21.88 -3.05
C PHE B 311 27.48 -20.44 -2.82
N HIS B 312 27.58 -20.05 -1.56
CA HIS B 312 28.09 -18.72 -1.24
C HIS B 312 28.58 -18.64 0.20
N VAL B 313 29.29 -17.58 0.52
CA VAL B 313 29.59 -17.26 1.90
C VAL B 313 28.81 -16.01 2.19
N ASP B 314 28.13 -15.97 3.32
CA ASP B 314 27.27 -14.83 3.65
C ASP B 314 28.12 -13.57 3.70
N PHE B 315 27.55 -12.44 3.30
CA PHE B 315 28.36 -11.22 3.17
C PHE B 315 29.01 -10.76 4.49
N GLY B 316 30.18 -10.15 4.37
CA GLY B 316 30.98 -9.74 5.52
C GLY B 316 31.47 -10.89 6.38
N GLY B 317 31.26 -12.12 5.92
CA GLY B 317 31.53 -13.29 6.74
C GLY B 317 30.59 -13.35 7.95
N SER B 318 29.39 -12.80 7.78
CA SER B 318 28.45 -12.72 8.88
C SER B 318 27.96 -14.10 9.28
N SER B 319 27.61 -14.25 10.55
CA SER B 319 26.95 -15.46 11.04
C SER B 319 25.42 -15.30 10.84
N VAL B 320 24.67 -16.40 10.86
CA VAL B 320 23.23 -16.29 10.66
C VAL B 320 22.44 -17.27 11.51
N TYR B 321 21.17 -16.94 11.76
CA TYR B 321 20.22 -17.87 12.37
C TYR B 321 19.04 -17.99 11.42
N TYR B 322 18.45 -19.19 11.34
CA TYR B 322 17.23 -19.41 10.55
C TYR B 322 16.24 -20.27 11.32
N HIS B 323 15.02 -19.79 11.46
CA HIS B 323 13.98 -20.64 12.03
C HIS B 323 12.95 -21.03 10.95
N ILE B 324 12.77 -22.34 10.77
CA ILE B 324 11.84 -22.86 9.77
C ILE B 324 10.42 -22.84 10.30
N LEU B 325 9.73 -21.73 10.10
CA LEU B 325 8.34 -21.60 10.51
C LEU B 325 7.45 -22.57 9.73
N LYS B 326 7.77 -22.75 8.44
CA LYS B 326 6.99 -23.61 7.57
C LYS B 326 7.89 -24.21 6.46
N GLY B 327 7.80 -25.52 6.26
CA GLY B 327 8.49 -26.17 5.16
C GLY B 327 9.76 -26.92 5.51
N GLU B 328 10.82 -26.63 4.76
CA GLU B 328 12.05 -27.39 4.90
C GLU B 328 13.19 -26.78 4.08
N LYS B 329 14.39 -26.77 4.64
CA LYS B 329 15.58 -26.35 3.92
C LYS B 329 16.63 -27.42 4.02
N ILE B 330 17.39 -27.58 2.96
CA ILE B 330 18.51 -28.50 3.00
C ILE B 330 19.75 -27.68 2.68
N PHE B 331 20.68 -27.65 3.63
CA PHE B 331 21.90 -26.88 3.46
C PHE B 331 23.03 -27.79 3.03
N TYR B 332 23.83 -27.32 2.07
CA TYR B 332 25.00 -28.07 1.61
C TYR B 332 26.20 -27.23 1.98
N ILE B 333 26.97 -27.72 2.94
CA ILE B 333 27.95 -26.86 3.62
C ILE B 333 29.39 -27.37 3.54
N ALA B 334 30.33 -26.44 3.62
CA ALA B 334 31.74 -26.77 3.62
C ALA B 334 32.43 -25.87 4.63
N ALA B 335 33.30 -26.47 5.43
CA ALA B 335 34.01 -25.76 6.50
C ALA B 335 34.90 -24.65 5.93
N PRO B 336 35.06 -23.55 6.68
CA PRO B 336 35.85 -22.39 6.28
C PRO B 336 37.38 -22.56 6.37
N THR B 337 37.93 -23.63 5.82
CA THR B 337 39.39 -23.79 5.78
C THR B 337 39.98 -23.01 4.61
N GLU B 338 41.26 -22.65 4.72
CA GLU B 338 41.94 -21.92 3.65
C GLU B 338 41.82 -22.67 2.33
N GLN B 339 41.90 -24.00 2.36
CA GLN B 339 41.80 -24.78 1.13
C GLN B 339 40.38 -24.75 0.55
N ASN B 340 39.36 -24.81 1.39
CA ASN B 340 37.99 -24.71 0.90
C ASN B 340 37.69 -23.36 0.29
N PHE B 341 38.18 -22.29 0.92
CA PHE B 341 38.05 -20.95 0.38
C PHE B 341 38.73 -20.82 -0.96
N ALA B 342 39.88 -21.48 -1.13
CA ALA B 342 40.62 -21.38 -2.38
C ALA B 342 39.86 -22.04 -3.50
N ALA B 343 39.34 -23.24 -3.24
CA ALA B 343 38.53 -23.96 -4.21
C ALA B 343 37.29 -23.14 -4.51
N TYR B 344 36.71 -22.56 -3.47
CA TYR B 344 35.51 -21.76 -3.65
C TYR B 344 35.80 -20.54 -4.54
N GLN B 345 36.91 -19.86 -4.30
CA GLN B 345 37.23 -18.66 -5.08
C GLN B 345 37.44 -19.01 -6.55
N ALA B 346 38.12 -20.12 -6.81
CA ALA B 346 38.35 -20.54 -8.18
C ALA B 346 37.01 -20.85 -8.83
N HIS B 347 36.11 -21.48 -8.08
CA HIS B 347 34.77 -21.81 -8.59
C HIS B 347 33.97 -20.56 -8.92
N GLU B 348 34.06 -19.54 -8.07
CA GLU B 348 33.33 -18.30 -8.31
C GLU B 348 33.88 -17.48 -9.47
N THR B 349 35.17 -17.63 -9.76
CA THR B 349 35.79 -16.81 -10.80
C THR B 349 35.89 -17.55 -12.13
N SER B 350 35.52 -18.82 -12.14
CA SER B 350 35.47 -19.61 -13.36
C SER B 350 34.24 -19.22 -14.17
N PRO B 351 34.40 -19.10 -15.49
CA PRO B 351 33.27 -18.83 -16.39
C PRO B 351 32.30 -20.00 -16.48
N ASP B 352 32.75 -21.19 -16.09
CA ASP B 352 31.90 -22.38 -16.13
C ASP B 352 30.62 -22.25 -15.27
N THR B 353 29.50 -22.73 -15.79
CA THR B 353 28.24 -22.67 -15.06
C THR B 353 27.59 -24.04 -15.01
N THR B 354 28.35 -25.06 -15.42
CA THR B 354 27.78 -26.39 -15.58
C THR B 354 28.22 -27.34 -14.47
N THR B 355 29.13 -26.87 -13.63
CA THR B 355 29.71 -27.71 -12.58
C THR B 355 29.30 -27.30 -11.15
N TRP B 356 28.68 -28.22 -10.43
CA TRP B 356 28.29 -27.98 -9.04
C TRP B 356 29.53 -27.99 -8.15
N PHE B 357 29.70 -26.94 -7.34
CA PHE B 357 30.88 -26.84 -6.49
C PHE B 357 31.17 -28.10 -5.67
N GLY B 358 30.14 -28.77 -5.21
CA GLY B 358 30.33 -29.95 -4.38
C GLY B 358 30.97 -31.14 -5.07
N ASP B 359 30.99 -31.13 -6.40
CA ASP B 359 31.58 -32.25 -7.13
C ASP B 359 33.08 -32.03 -7.34
N ILE B 360 33.54 -30.80 -7.13
CA ILE B 360 34.95 -30.48 -7.28
C ILE B 360 35.53 -29.96 -5.97
N ALA B 361 34.89 -30.29 -4.86
CA ALA B 361 35.29 -29.79 -3.55
C ALA B 361 36.00 -30.85 -2.71
N ASN B 362 36.42 -31.92 -3.36
CA ASN B 362 37.21 -32.96 -2.70
C ASN B 362 36.59 -33.45 -1.39
N GLY B 363 35.30 -33.74 -1.43
CA GLY B 363 34.62 -34.32 -0.29
C GLY B 363 34.22 -33.37 0.82
N ALA B 364 34.50 -32.08 0.64
CA ALA B 364 34.23 -31.09 1.69
C ALA B 364 32.75 -30.79 1.91
N VAL B 365 31.93 -30.97 0.89
CA VAL B 365 30.53 -30.56 1.00
C VAL B 365 29.65 -31.60 1.70
N LYS B 366 28.88 -31.13 2.68
CA LYS B 366 28.08 -32.01 3.52
C LYS B 366 26.64 -31.53 3.53
N ARG B 367 25.73 -32.43 3.89
CA ARG B 367 24.29 -32.17 3.82
C ARG B 367 23.66 -32.03 5.21
N VAL B 368 22.88 -30.97 5.41
CA VAL B 368 22.07 -30.89 6.63
C VAL B 368 20.63 -30.47 6.32
N VAL B 369 19.69 -31.25 6.84
CA VAL B 369 18.28 -31.02 6.61
C VAL B 369 17.74 -30.29 7.83
N ILE B 370 17.02 -29.19 7.59
CA ILE B 370 16.38 -28.49 8.68
C ILE B 370 14.88 -28.49 8.44
N LYS B 371 14.15 -29.21 9.28
CA LYS B 371 12.73 -29.39 9.06
C LYS B 371 11.91 -28.33 9.78
N GLU B 372 10.61 -28.35 9.56
CA GLU B 372 9.71 -27.35 10.11
C GLU B 372 9.85 -27.30 11.63
N GLY B 373 9.83 -26.11 12.19
CA GLY B 373 9.97 -25.92 13.63
C GLY B 373 11.42 -25.88 14.11
N GLN B 374 12.36 -26.34 13.29
CA GLN B 374 13.77 -26.42 13.69
C GLN B 374 14.57 -25.15 13.38
N THR B 375 15.75 -25.06 13.98
CA THR B 375 16.52 -23.82 13.94
C THR B 375 17.98 -24.08 13.55
N LEU B 376 18.54 -23.20 12.73
CA LEU B 376 19.89 -23.39 12.23
C LEU B 376 20.75 -22.17 12.57
N LEU B 377 21.94 -22.44 13.07
CA LEU B 377 22.85 -21.37 13.48
C LEU B 377 24.21 -21.65 12.84
N ILE B 378 24.68 -20.70 12.04
CA ILE B 378 25.93 -20.85 11.32
C ILE B 378 26.86 -19.71 11.63
N PRO B 379 28.08 -20.04 12.08
CA PRO B 379 29.13 -19.07 12.36
C PRO B 379 29.79 -18.57 11.09
N ALA B 380 30.69 -17.60 11.24
CA ALA B 380 31.41 -16.98 10.12
C ALA B 380 32.06 -17.97 9.16
N GLY B 381 31.91 -17.73 7.86
CA GLY B 381 32.79 -18.32 6.86
C GLY B 381 32.33 -19.60 6.20
N TRP B 382 31.24 -20.20 6.68
CA TRP B 382 30.80 -21.46 6.10
C TRP B 382 30.25 -21.31 4.67
N ILE B 383 30.81 -22.08 3.75
CA ILE B 383 30.38 -22.07 2.36
C ILE B 383 29.12 -22.92 2.26
N HIS B 384 28.04 -22.39 1.70
CA HIS B 384 26.81 -23.17 1.64
C HIS B 384 25.94 -22.88 0.45
N ALA B 385 25.31 -23.92 -0.08
CA ALA B 385 24.18 -23.80 -1.00
C ALA B 385 22.94 -24.36 -0.29
N VAL B 386 21.75 -24.03 -0.80
CA VAL B 386 20.50 -24.35 -0.12
C VAL B 386 19.43 -24.75 -1.13
N LEU B 387 18.88 -25.95 -0.94
CA LEU B 387 17.70 -26.38 -1.68
C LEU B 387 16.48 -26.25 -0.79
N THR B 388 15.37 -25.82 -1.38
CA THR B 388 14.10 -25.79 -0.66
C THR B 388 13.18 -26.83 -1.28
N PRO B 389 13.09 -28.03 -0.70
CA PRO B 389 12.40 -29.15 -1.32
C PRO B 389 10.88 -28.98 -1.28
N VAL B 390 10.40 -28.10 -0.41
CA VAL B 390 8.97 -27.93 -0.21
C VAL B 390 8.68 -26.45 0.05
N ASP B 391 7.47 -26.00 -0.27
CA ASP B 391 7.12 -24.60 -0.05
C ASP B 391 7.48 -24.19 1.38
N SER B 392 8.17 -23.07 1.55
CA SER B 392 8.74 -22.74 2.85
C SER B 392 8.60 -21.30 3.29
N LEU B 393 8.47 -21.10 4.59
CA LEU B 393 8.47 -19.77 5.18
C LEU B 393 9.47 -19.77 6.34
N VAL B 394 10.37 -18.79 6.34
CA VAL B 394 11.55 -18.88 7.21
C VAL B 394 11.87 -17.50 7.76
N PHE B 395 12.27 -17.43 9.03
CA PHE B 395 12.77 -16.19 9.60
C PHE B 395 14.22 -16.33 9.99
N GLY B 396 15.03 -15.37 9.60
CA GLY B 396 16.44 -15.42 9.91
C GLY B 396 17.07 -14.05 9.95
N GLY B 397 18.39 -14.01 10.02
CA GLY B 397 19.07 -12.73 9.97
C GLY B 397 20.57 -12.93 10.10
N ASN B 398 21.33 -11.96 9.61
CA ASN B 398 22.78 -11.97 9.68
C ASN B 398 23.34 -11.02 10.74
N PHE B 399 24.49 -11.38 11.29
CA PHE B 399 25.16 -10.57 12.29
C PHE B 399 26.67 -10.85 12.34
N LEU B 400 27.42 -9.84 12.79
CA LEU B 400 28.84 -9.93 13.06
C LEU B 400 29.03 -9.89 14.55
N HIS B 401 30.06 -10.58 15.03
CA HIS B 401 30.41 -10.60 16.45
C HIS B 401 31.92 -10.72 16.68
N LEU B 402 32.36 -10.22 17.83
CA LEU B 402 33.77 -10.16 18.18
C LEU B 402 34.45 -11.53 18.17
N GLY B 403 33.73 -12.58 18.56
CA GLY B 403 34.31 -13.90 18.57
C GLY B 403 34.65 -14.50 17.21
N ASN B 404 34.11 -13.92 16.14
CA ASN B 404 34.43 -14.42 14.80
C ASN B 404 35.14 -13.35 13.98
N LEU B 405 35.70 -12.37 14.67
CA LEU B 405 36.37 -11.26 14.01
C LEU B 405 37.37 -11.73 12.93
N GLU B 406 38.26 -12.64 13.30
CA GLU B 406 39.27 -13.08 12.34
C GLU B 406 38.64 -13.65 11.08
N MET B 407 37.73 -14.60 11.25
CA MET B 407 37.07 -15.24 10.12
C MET B 407 36.36 -14.19 9.27
N GLN B 408 35.70 -13.25 9.94
CA GLN B 408 35.02 -12.17 9.24
C GLN B 408 35.95 -11.42 8.28
N MET B 409 37.13 -11.05 8.76
CA MET B 409 38.11 -10.36 7.93
C MET B 409 38.63 -11.24 6.78
N ARG B 410 38.89 -12.52 7.05
CA ARG B 410 39.24 -13.47 5.98
C ARG B 410 38.18 -13.50 4.89
N VAL B 411 36.90 -13.46 5.27
CA VAL B 411 35.84 -13.47 4.29
C VAL B 411 35.83 -12.15 3.52
N TYR B 412 36.04 -11.07 4.25
CA TYR B 412 36.13 -9.79 3.62
C TYR B 412 37.21 -9.83 2.53
N HIS B 413 38.36 -10.44 2.85
CA HIS B 413 39.49 -10.46 1.91
C HIS B 413 39.11 -11.29 0.71
N LEU B 414 38.40 -12.38 0.96
CA LEU B 414 37.97 -13.26 -0.11
C LEU B 414 37.01 -12.53 -1.04
N GLU B 415 36.07 -11.78 -0.46
CA GLU B 415 35.10 -11.03 -1.24
C GLU B 415 35.80 -10.05 -2.12
N ASN B 416 36.68 -9.26 -1.52
CA ASN B 416 37.42 -8.24 -2.25
C ASN B 416 38.19 -8.87 -3.41
N ALA B 417 38.76 -10.05 -3.17
CA ALA B 417 39.55 -10.72 -4.19
C ALA B 417 38.65 -11.12 -5.35
N ILE B 418 37.54 -11.77 -5.04
CA ILE B 418 36.58 -12.18 -6.07
C ILE B 418 36.04 -10.99 -6.87
N ARG B 419 35.72 -9.90 -6.18
CA ARG B 419 35.20 -8.71 -6.84
C ARG B 419 36.19 -8.16 -7.88
N LYS B 420 37.47 -8.26 -7.60
CA LYS B 420 38.48 -7.77 -8.55
C LYS B 420 38.56 -8.65 -9.80
N GLU B 421 38.07 -9.88 -9.71
CA GLU B 421 38.21 -10.81 -10.82
C GLU B 421 36.98 -10.85 -11.74
N ILE B 422 35.80 -11.12 -11.19
CA ILE B 422 34.59 -11.23 -12.02
C ILE B 422 33.77 -9.94 -12.03
N ARG B 423 33.66 -9.34 -13.21
CA ARG B 423 32.94 -8.08 -13.39
C ARG B 423 31.44 -8.26 -13.25
N SER B 424 30.94 -8.19 -12.01
CA SER B 424 29.51 -8.28 -11.74
C SER B 424 29.20 -8.05 -10.27
N GLU B 425 28.81 -6.82 -9.93
CA GLU B 425 28.40 -6.49 -8.56
C GLU B 425 26.96 -6.91 -8.31
N GLU B 426 26.51 -7.90 -9.08
CA GLU B 426 25.17 -8.46 -8.90
C GLU B 426 25.08 -9.16 -7.55
N LYS B 427 26.23 -9.36 -6.92
CA LYS B 427 26.27 -9.79 -5.53
C LYS B 427 26.01 -8.58 -4.64
N PHE B 428 25.55 -8.84 -3.43
CA PHE B 428 25.39 -7.78 -2.44
C PHE B 428 26.38 -8.02 -1.30
N TYR B 429 27.05 -6.95 -0.85
CA TYR B 429 28.05 -7.06 0.23
C TYR B 429 27.55 -6.42 1.52
N PHE B 430 28.17 -6.78 2.63
CA PHE B 430 27.67 -6.33 3.92
C PHE B 430 27.64 -4.82 3.97
N PRO B 431 26.45 -4.26 4.18
CA PRO B 431 26.22 -2.80 4.18
C PRO B 431 27.06 -2.09 5.23
N ASN B 432 27.81 -1.07 4.79
CA ASN B 432 28.65 -0.26 5.66
C ASN B 432 29.63 -1.06 6.53
N PHE B 433 30.18 -2.13 5.96
CA PHE B 433 31.10 -3.00 6.68
C PHE B 433 32.20 -2.19 7.35
N GLU B 434 32.91 -1.38 6.58
CA GLU B 434 34.04 -0.65 7.14
C GLU B 434 33.59 0.39 8.15
N LEU B 435 32.59 1.18 7.78
CA LEU B 435 32.01 2.17 8.68
C LEU B 435 31.68 1.57 10.03
N LEU B 436 31.07 0.40 10.01
CA LEU B 436 30.72 -0.32 11.23
C LEU B 436 31.93 -0.56 12.15
N HIS B 437 33.07 -0.89 11.57
CA HIS B 437 34.25 -1.14 12.39
C HIS B 437 34.85 0.15 12.93
N TRP B 438 34.82 1.21 12.13
CA TRP B 438 35.30 2.51 12.59
C TRP B 438 34.52 2.95 13.81
N MET B 439 33.19 2.76 13.78
CA MET B 439 32.34 3.16 14.88
C MET B 439 32.53 2.23 16.07
N TYR B 440 32.72 0.95 15.79
CA TYR B 440 32.86 -0.02 16.87
C TYR B 440 34.20 0.23 17.59
N MET B 441 35.24 0.50 16.79
CA MET B 441 36.54 0.80 17.33
C MET B 441 36.46 2.05 18.19
N ARG B 442 35.94 3.13 17.61
CA ARG B 442 35.84 4.42 18.32
C ARG B 442 34.92 4.41 19.55
N ASN B 443 33.69 3.92 19.38
CA ASN B 443 32.68 3.97 20.43
C ASN B 443 32.79 2.88 21.50
N VAL B 444 33.28 1.71 21.15
CA VAL B 444 33.31 0.62 22.11
C VAL B 444 34.71 0.29 22.57
N LEU B 445 35.56 -0.12 21.63
CA LEU B 445 36.90 -0.61 21.94
C LEU B 445 37.84 0.46 22.51
N LEU B 446 37.92 1.60 21.82
CA LEU B 446 38.79 2.69 22.25
C LEU B 446 38.43 3.12 23.67
N GLU B 447 37.14 3.05 23.99
CA GLU B 447 36.66 3.45 25.30
C GLU B 447 37.07 2.49 26.40
N LYS B 448 36.95 1.19 26.16
CA LYS B 448 37.43 0.20 27.13
C LYS B 448 38.93 0.32 27.38
N ILE B 449 39.72 0.47 26.32
CA ILE B 449 41.16 0.56 26.49
C ILE B 449 41.53 1.83 27.28
N THR B 450 40.92 2.96 26.90
CA THR B 450 41.16 4.24 27.55
C THR B 450 40.87 4.16 29.04
N GLU B 451 39.69 3.65 29.39
CA GLU B 451 39.29 3.50 30.78
C GLU B 451 40.19 2.55 31.55
N ALA B 452 40.59 1.46 30.92
CA ALA B 452 41.50 0.53 31.58
C ALA B 452 42.84 1.22 31.80
N ASN B 453 43.32 1.95 30.81
CA ASN B 453 44.56 2.73 30.98
C ASN B 453 44.46 3.75 32.13
N GLN B 454 43.30 4.37 32.28
CA GLN B 454 43.15 5.41 33.28
C GLN B 454 43.25 4.79 34.66
N GLU B 455 42.81 3.55 34.74
CA GLU B 455 42.86 2.78 35.97
C GLU B 455 44.21 2.10 36.19
N GLY B 456 45.08 2.19 35.20
CA GLY B 456 46.35 1.48 35.24
C GLY B 456 46.17 -0.03 35.26
N SER B 457 45.07 -0.49 34.68
CA SER B 457 44.74 -1.92 34.65
C SER B 457 45.36 -2.66 33.45
N ASP B 458 45.90 -3.83 33.74
CA ASP B 458 46.33 -4.77 32.70
C ASP B 458 45.07 -5.47 32.19
N MET B 459 44.77 -5.27 30.91
CA MET B 459 43.51 -5.74 30.35
C MET B 459 43.42 -7.26 30.23
N ARG B 460 44.56 -7.94 30.17
CA ARG B 460 44.52 -9.39 30.01
C ARG B 460 43.84 -10.06 31.19
N GLU B 461 43.74 -9.35 32.31
CA GLU B 461 43.19 -9.92 33.54
C GLU B 461 41.68 -10.12 33.54
N GLN B 462 40.93 -9.08 33.22
CA GLN B 462 39.47 -9.19 33.21
C GLN B 462 38.86 -8.98 31.81
N GLU B 463 39.61 -8.37 30.91
CA GLU B 463 39.09 -8.06 29.59
C GLU B 463 39.96 -8.56 28.44
N LYS B 464 40.51 -9.77 28.55
CA LYS B 464 41.46 -10.22 27.55
C LYS B 464 40.84 -10.29 26.15
N ASN B 465 39.59 -10.72 26.08
CA ASN B 465 38.87 -10.76 24.82
C ASN B 465 38.74 -9.37 24.17
N ILE B 466 38.44 -8.35 24.97
CA ILE B 466 38.31 -7.01 24.41
C ILE B 466 39.64 -6.60 23.81
N TRP B 467 40.71 -6.91 24.55
CA TRP B 467 42.05 -6.50 24.18
C TRP B 467 42.53 -7.20 22.91
N THR B 468 42.26 -8.50 22.80
CA THR B 468 42.72 -9.24 21.63
C THR B 468 41.92 -8.84 20.40
N ALA B 469 40.62 -8.68 20.57
CA ALA B 469 39.79 -8.17 19.49
C ALA B 469 40.31 -6.81 19.00
N SER B 470 40.74 -5.97 19.93
CA SER B 470 41.24 -4.63 19.59
C SER B 470 42.46 -4.68 18.68
N GLN B 471 43.41 -5.55 19.01
CA GLN B 471 44.63 -5.68 18.24
C GLN B 471 44.31 -6.21 16.84
N ILE B 472 43.47 -7.22 16.79
CA ILE B 472 43.06 -7.79 15.52
C ILE B 472 42.33 -6.75 14.68
N MET B 473 41.44 -5.99 15.31
CA MET B 473 40.66 -5.05 14.51
C MET B 473 41.57 -3.93 14.04
N LYS B 474 42.38 -3.40 14.95
CA LYS B 474 43.30 -2.31 14.62
C LYS B 474 44.20 -2.67 13.44
N ALA B 475 44.72 -3.89 13.44
CA ALA B 475 45.65 -4.32 12.40
C ALA B 475 44.99 -4.29 11.03
N GLU B 476 43.74 -4.72 10.97
CA GLU B 476 42.98 -4.63 9.73
C GLU B 476 42.74 -3.17 9.31
N MET B 477 42.35 -2.35 10.27
CA MET B 477 42.09 -0.94 9.97
C MET B 477 43.34 -0.17 9.52
N GLU B 478 44.51 -0.50 10.09
CA GLU B 478 45.76 0.10 9.64
C GLU B 478 45.92 -0.13 8.14
N ARG B 479 45.59 -1.33 7.71
CA ARG B 479 45.66 -1.69 6.32
C ARG B 479 44.65 -0.90 5.47
N TRP B 480 43.44 -0.69 6.00
CA TRP B 480 42.47 0.11 5.26
C TRP B 480 42.91 1.56 5.20
N MET B 481 43.48 2.06 6.30
CA MET B 481 43.92 3.44 6.36
C MET B 481 45.02 3.71 5.35
N ASP B 482 45.94 2.74 5.23
CA ASP B 482 47.07 2.87 4.32
C ASP B 482 46.60 2.78 2.87
N ARG B 483 45.54 1.99 2.65
CA ARG B 483 44.92 1.87 1.34
C ARG B 483 44.29 3.21 0.95
N GLU B 484 43.57 3.81 1.89
CA GLU B 484 42.87 5.05 1.60
C GLU B 484 43.83 6.19 1.33
N LEU B 485 44.96 6.20 2.04
CA LEU B 485 45.92 7.29 1.90
C LEU B 485 46.58 7.24 0.52
N ARG B 486 46.74 6.04 -0.01
CA ARG B 486 47.36 5.87 -1.32
C ARG B 486 46.38 6.10 -2.47
N LEU B 487 45.19 5.50 -2.37
CA LEU B 487 44.29 5.50 -3.51
C LEU B 487 43.06 6.38 -3.30
N GLY B 488 42.99 7.04 -2.15
CA GLY B 488 41.86 7.89 -1.83
C GLY B 488 40.64 7.10 -1.37
N PRO B 489 39.66 7.81 -0.81
CA PRO B 489 38.42 7.22 -0.26
C PRO B 489 37.68 6.36 -1.28
N GLU B 490 36.87 5.43 -0.79
CA GLU B 490 36.04 4.62 -1.68
C GLU B 490 34.86 5.45 -2.13
N LYS B 491 34.18 5.00 -3.18
CA LYS B 491 33.03 5.72 -3.72
C LYS B 491 32.03 6.06 -2.63
N ASN B 492 31.53 5.03 -1.96
CA ASN B 492 30.54 5.19 -0.91
C ASN B 492 31.11 5.11 0.51
N ALA B 493 32.22 5.82 0.73
CA ALA B 493 32.79 5.95 2.06
C ALA B 493 32.15 7.12 2.79
N ILE B 494 31.49 6.82 3.92
CA ILE B 494 30.77 7.83 4.69
C ILE B 494 31.68 8.67 5.57
N LEU B 495 32.72 8.04 6.11
CA LEU B 495 33.57 8.68 7.11
C LEU B 495 34.74 9.40 6.43
N PRO B 496 34.87 10.72 6.66
CA PRO B 496 35.97 11.48 6.06
C PRO B 496 37.35 10.96 6.46
N THR B 497 38.32 11.04 5.55
CA THR B 497 39.66 10.51 5.82
C THR B 497 40.26 11.11 7.07
N ASP B 498 40.07 12.42 7.25
CA ASP B 498 40.64 13.10 8.40
C ASP B 498 40.13 12.50 9.71
N ASP B 499 38.85 12.15 9.73
CA ASP B 499 38.25 11.55 10.92
C ASP B 499 38.77 10.13 11.19
N LYS B 500 38.89 9.32 10.13
CA LYS B 500 39.50 8.00 10.25
C LYS B 500 40.90 8.11 10.82
N ASN B 501 41.69 9.03 10.27
CA ASN B 501 43.07 9.18 10.69
C ASN B 501 43.21 9.65 12.14
N LYS B 502 42.26 10.45 12.62
CA LYS B 502 42.22 10.86 14.02
C LYS B 502 41.88 9.68 14.93
N ILE B 503 40.94 8.85 14.50
CA ILE B 503 40.59 7.67 15.27
C ILE B 503 41.82 6.78 15.49
N MET B 504 42.56 6.51 14.41
CA MET B 504 43.74 5.66 14.48
C MET B 504 44.83 6.25 15.40
N ILE B 505 45.02 7.55 15.32
CA ILE B 505 46.00 8.22 16.17
C ILE B 505 45.63 7.99 17.63
N SER B 506 44.35 8.14 17.93
CA SER B 506 43.84 7.96 19.27
C SER B 506 44.00 6.50 19.72
N VAL B 507 43.81 5.56 18.78
CA VAL B 507 43.96 4.14 19.05
C VAL B 507 45.42 3.72 19.30
N ARG B 508 46.34 4.14 18.43
CA ARG B 508 47.73 3.74 18.59
C ARG B 508 48.24 4.21 19.95
N LYS B 509 47.87 5.43 20.32
CA LYS B 509 48.22 6.01 21.61
C LYS B 509 47.76 5.15 22.80
N GLN B 510 46.46 4.81 22.84
CA GLN B 510 45.95 3.99 23.94
C GLN B 510 46.54 2.59 23.90
N ILE B 511 46.85 2.09 22.71
CA ILE B 511 47.49 0.79 22.59
C ILE B 511 48.88 0.82 23.21
N GLU B 512 49.61 1.92 23.01
CA GLU B 512 50.96 2.00 23.56
C GLU B 512 50.94 2.11 25.09
N ILE B 513 50.05 2.93 25.62
CA ILE B 513 49.88 2.99 27.06
C ILE B 513 49.61 1.60 27.65
N GLN B 514 48.65 0.88 27.06
CA GLN B 514 48.23 -0.39 27.64
C GLN B 514 49.35 -1.41 27.55
N THR B 515 50.07 -1.39 26.43
CA THR B 515 51.24 -2.22 26.21
C THR B 515 52.33 -1.94 27.26
N LYS B 516 52.52 -0.66 27.55
CA LYS B 516 53.44 -0.24 28.60
C LYS B 516 52.99 -0.74 29.99
N ILE B 517 51.71 -0.60 30.30
CA ILE B 517 51.17 -1.16 31.54
C ILE B 517 51.41 -2.67 31.62
N GLN B 518 51.25 -3.38 30.50
CA GLN B 518 51.43 -4.83 30.51
C GLN B 518 52.90 -5.19 30.68
N ASN B 519 53.77 -4.45 30.00
CA ASN B 519 55.20 -4.68 30.08
C ASN B 519 55.82 -4.33 31.45
N ALA B 520 55.16 -3.48 32.24
CA ALA B 520 55.69 -3.08 33.53
C ALA B 520 55.60 -4.24 34.52
N LYS B 521 54.67 -5.15 34.24
CA LYS B 521 54.60 -6.42 34.95
C LYS B 521 55.57 -7.42 34.28
N ASN B 522 56.88 -7.15 34.40
CA ASN B 522 57.91 -7.89 33.67
C ASN B 522 59.23 -8.01 34.44
N LYS B 523 59.16 -8.46 35.69
CA LYS B 523 60.37 -8.69 36.47
C LYS B 523 61.17 -9.88 35.96
FE FE2 C . -25.91 12.64 -7.00
ZN ZN D . -10.54 -10.50 16.43
ZN ZN E . -9.92 -22.41 9.17
C1 AKG F . -23.83 10.93 -6.88
O1 AKG F . -24.21 11.89 -6.15
O2 AKG F . -22.70 10.42 -6.62
C2 AKG F . -24.38 10.76 -8.26
O5 AKG F . -25.47 11.24 -8.54
C3 AKG F . -23.73 9.76 -9.17
C4 AKG F . -24.13 8.33 -9.02
C5 AKG F . -23.62 7.34 -10.02
O3 AKG F . -24.00 6.14 -9.97
O4 AKG F . -22.82 7.70 -10.93
C1 GOL G . -25.54 12.13 -1.58
O1 GOL G . -25.01 13.24 -2.26
C2 GOL G . -24.60 10.95 -1.77
O2 GOL G . -24.18 10.48 -0.52
C3 GOL G . -25.30 9.85 -2.58
O3 GOL G . -24.36 9.12 -3.32
FE FE2 H . 23.62 -17.85 3.08
ZN ZN I . 8.43 6.28 -19.72
ZN ZN J . -1.48 -1.34 -26.37
C1 AKG K . 21.11 -17.07 2.51
O1 AKG K . 22.19 -16.45 2.73
O2 AKG K . 20.06 -16.39 2.37
C2 AKG K . 21.08 -18.56 2.41
O5 AKG K . 22.01 -19.21 2.86
C3 AKG K . 20.21 -19.25 1.40
C4 AKG K . 18.75 -18.97 1.35
C5 AKG K . 17.83 -20.06 0.92
O3 AKG K . 17.59 -20.25 -0.32
O4 AKG K . 16.99 -20.48 1.75
C1 GOL L . 24.89 -12.93 0.68
O1 GOL L . 24.91 -13.14 2.07
C2 GOL L . 23.52 -13.35 0.16
O2 GOL L . 22.97 -12.22 -0.47
C3 GOL L . 23.72 -14.46 -0.86
O3 GOL L . 22.51 -15.13 -1.15
#